data_6WMM
#
_entry.id   6WMM
#
_cell.length_a   48.730
_cell.length_b   110.920
_cell.length_c   147.400
_cell.angle_alpha   90.000
_cell.angle_beta   90.000
_cell.angle_gamma   90.000
#
_symmetry.space_group_name_H-M   'P 21 21 21'
#
loop_
_entity.id
_entity.type
_entity.pdbx_description
1 polymer 'N-acetyllactosaminide beta-1,3-N-acetylglucosaminyltransferase 2'
2 branched beta-D-mannopyranose-(1-4)-2-acetamido-2-deoxy-beta-D-glucopyranose-(1-4)-2-acetamido-2-deoxy-beta-D-glucopyranose
3 non-polymer 'MAGNESIUM ION'
4 non-polymer "URIDINE-5'-DIPHOSPHATE"
5 non-polymer 2-acetamido-2-deoxy-beta-D-glucopyranose
6 non-polymer 1,2-ETHANEDIOL
7 non-polymer '4-(2-HYDROXYETHYL)-1-PIPERAZINE ETHANESULFONIC ACID'
8 water water
#
_entity_poly.entity_id   1
_entity_poly.type   'polypeptide(L)'
_entity_poly.pdbx_seq_one_letter_code
;GKNGKGEVIIPKEKFWKISTPPEAYWNREQEKLNRQYNPILS(MSE)LTNQTGEAGRLSNISHLNYCEPDLRVTSVVTGF
NNLPDRFKDFLLYLRCRNYSLLIDQPDKCAKKPFLLLAIKSLTPHFARRQAIRESWGQESNAGNQTVVRVFLLGQTPPED
NHPDLSD(MSE)LKFESEKHQDIL(MSE)WNYRDTFFNLSLKEVLFLRWVSTSCPDTEFVFKGDDDVFVNTHHILNYLNS
LSKTKAKDLFIGDVIHNAGPHRDKKLKYYIPEVVYSGLYPPYAGGGGFLYSGHLALRLYHITDQVHLYPIDDVYTG
(MSE)CLQKLGLVPEKHKGFRTFDIEEKNKNNICSYVDL(MSE)LVHSRKPQE(MSE)IDIWSQLQSAHLKC
;
_entity_poly.pdbx_strand_id   A,B
#
loop_
_chem_comp.id
_chem_comp.type
_chem_comp.name
_chem_comp.formula
BMA D-saccharide, beta linking beta-D-mannopyranose 'C6 H12 O6'
EDO non-polymer 1,2-ETHANEDIOL 'C2 H6 O2'
EPE non-polymer '4-(2-HYDROXYETHYL)-1-PIPERAZINE ETHANESULFONIC ACID' 'C8 H18 N2 O4 S'
MG non-polymer 'MAGNESIUM ION' 'Mg 2'
NAG D-saccharide, beta linking 2-acetamido-2-deoxy-beta-D-glucopyranose 'C8 H15 N O6'
UDP RNA linking URIDINE-5'-DIPHOSPHATE 'C9 H14 N2 O12 P2'
#
# COMPACT_ATOMS: atom_id res chain seq x y z
N ALA A 24 18.12 -33.58 5.93
CA ALA A 24 17.53 -32.42 5.23
C ALA A 24 18.49 -31.83 4.19
N TYR A 25 17.94 -31.23 3.12
CA TYR A 25 18.77 -30.80 2.00
C TYR A 25 19.74 -29.68 2.40
N TRP A 26 19.22 -28.62 3.00
CA TRP A 26 20.08 -27.49 3.33
C TRP A 26 21.19 -27.95 4.27
N ASN A 27 20.84 -28.75 5.28
CA ASN A 27 21.85 -29.22 6.23
C ASN A 27 22.93 -30.03 5.54
N ARG A 28 22.54 -30.90 4.60
CA ARG A 28 23.55 -31.73 3.92
C ARG A 28 24.43 -30.90 3.01
N GLU A 29 23.82 -29.95 2.29
CA GLU A 29 24.60 -29.06 1.43
C GLU A 29 25.51 -28.16 2.25
N GLN A 30 25.03 -27.66 3.39
CA GLN A 30 25.90 -26.83 4.22
C GLN A 30 27.08 -27.63 4.78
N GLU A 31 26.86 -28.90 5.15
CA GLU A 31 27.97 -29.77 5.60
C GLU A 31 29.05 -29.91 4.55
N LYS A 32 28.64 -30.06 3.29
CA LYS A 32 29.60 -30.10 2.18
C LYS A 32 30.40 -28.82 2.10
N LEU A 33 29.74 -27.66 2.21
CA LEU A 33 30.44 -26.39 2.25
C LEU A 33 31.46 -26.36 3.39
N ASN A 34 31.05 -26.80 4.60
CA ASN A 34 31.96 -26.78 5.75
C ASN A 34 33.22 -27.58 5.47
N ARG A 35 33.07 -28.71 4.76
CA ARG A 35 34.24 -29.54 4.48
C ARG A 35 35.19 -28.87 3.49
N GLN A 36 34.62 -28.12 2.53
CA GLN A 36 35.44 -27.40 1.55
C GLN A 36 36.23 -26.27 2.20
N TYR A 37 35.63 -25.52 3.12
CA TYR A 37 36.36 -24.42 3.72
C TYR A 37 37.20 -24.79 4.94
N ASN A 38 37.03 -25.97 5.52
CA ASN A 38 37.78 -26.37 6.71
C ASN A 38 38.27 -27.81 6.56
N PRO A 39 39.21 -28.06 5.62
CA PRO A 39 39.81 -29.41 5.51
C PRO A 39 40.84 -29.71 6.59
N ILE A 57 30.99 -27.91 -9.44
CA ILE A 57 29.90 -26.93 -9.58
C ILE A 57 29.92 -25.91 -8.45
N SER A 58 30.06 -24.64 -8.83
CA SER A 58 30.12 -23.54 -7.88
C SER A 58 28.83 -23.42 -7.07
N HIS A 59 28.97 -22.99 -5.82
CA HIS A 59 27.83 -22.65 -4.97
C HIS A 59 27.53 -21.15 -4.98
N LEU A 60 28.26 -20.35 -5.78
CA LEU A 60 28.15 -18.90 -5.77
C LEU A 60 27.74 -18.29 -7.10
N ASN A 61 28.12 -18.89 -8.23
CA ASN A 61 27.80 -18.29 -9.52
C ASN A 61 27.31 -19.31 -10.52
N TYR A 62 26.70 -20.41 -10.06
CA TYR A 62 26.04 -21.35 -10.95
C TYR A 62 24.60 -20.90 -11.07
N CYS A 63 24.23 -20.38 -12.24
CA CYS A 63 22.96 -19.69 -12.35
C CYS A 63 22.01 -20.34 -13.36
N GLU A 64 22.34 -21.52 -13.84
CA GLU A 64 21.38 -22.41 -14.49
C GLU A 64 20.52 -23.10 -13.45
N PRO A 65 19.36 -23.62 -13.81
CA PRO A 65 18.58 -24.40 -12.84
C PRO A 65 19.36 -25.63 -12.40
N ASP A 66 19.41 -25.86 -11.10
CA ASP A 66 20.12 -27.03 -10.57
C ASP A 66 19.16 -28.21 -10.54
N LEU A 67 19.00 -28.86 -11.69
CA LEU A 67 17.99 -29.91 -11.86
C LEU A 67 18.23 -31.14 -10.98
N ARG A 68 19.41 -31.27 -10.38
CA ARG A 68 19.65 -32.37 -9.44
C ARG A 68 18.66 -32.34 -8.27
N VAL A 69 18.20 -31.16 -7.83
CA VAL A 69 17.30 -31.10 -6.68
C VAL A 69 15.98 -31.83 -6.94
N THR A 70 15.55 -31.91 -8.20
CA THR A 70 14.31 -32.60 -8.48
C THR A 70 14.43 -34.10 -8.22
N SER A 71 15.66 -34.63 -8.16
CA SER A 71 15.89 -36.04 -7.85
C SER A 71 16.17 -36.28 -6.37
N VAL A 72 16.84 -35.36 -5.69
CA VAL A 72 17.38 -35.70 -4.38
C VAL A 72 16.56 -35.11 -3.24
N VAL A 73 15.70 -34.13 -3.50
CA VAL A 73 14.82 -33.61 -2.48
C VAL A 73 13.54 -34.45 -2.55
N THR A 74 13.26 -35.22 -1.50
CA THR A 74 12.08 -36.07 -1.51
C THR A 74 10.81 -35.24 -1.63
N GLY A 75 9.95 -35.62 -2.58
CA GLY A 75 8.71 -34.89 -2.73
C GLY A 75 8.87 -33.53 -3.33
N PHE A 76 9.98 -33.27 -4.02
CA PHE A 76 10.21 -31.97 -4.65
C PHE A 76 8.97 -31.48 -5.39
N ASN A 77 8.34 -32.36 -6.17
CA ASN A 77 7.26 -31.95 -7.07
C ASN A 77 6.09 -31.34 -6.32
N ASN A 78 5.86 -31.74 -5.06
CA ASN A 78 4.73 -31.26 -4.28
C ASN A 78 5.07 -30.05 -3.42
N LEU A 79 6.31 -29.56 -3.46
CA LEU A 79 6.66 -28.37 -2.69
C LEU A 79 6.03 -27.12 -3.30
N PRO A 80 5.73 -26.11 -2.47
CA PRO A 80 5.27 -24.82 -3.01
C PRO A 80 6.32 -24.23 -3.95
N ASP A 81 5.83 -23.41 -4.87
CA ASP A 81 6.71 -22.82 -5.88
C ASP A 81 7.90 -22.07 -5.26
N ARG A 82 7.69 -21.34 -4.15
CA ARG A 82 8.80 -20.60 -3.56
C ARG A 82 9.95 -21.53 -3.16
N PHE A 83 9.63 -22.73 -2.66
CA PHE A 83 10.69 -23.68 -2.33
C PHE A 83 11.35 -24.24 -3.58
N LYS A 84 10.58 -24.50 -4.64
CA LYS A 84 11.17 -25.02 -5.87
C LYS A 84 12.17 -24.02 -6.42
N ASP A 85 11.77 -22.74 -6.48
CA ASP A 85 12.70 -21.71 -6.96
C ASP A 85 13.90 -21.55 -6.01
N PHE A 86 13.66 -21.60 -4.71
CA PHE A 86 14.76 -21.46 -3.77
C PHE A 86 15.81 -22.55 -4.01
N LEU A 87 15.35 -23.79 -4.17
CA LEU A 87 16.26 -24.91 -4.32
C LEU A 87 16.91 -24.93 -5.70
N LEU A 88 16.16 -24.60 -6.75
CA LEU A 88 16.72 -24.65 -8.09
C LEU A 88 17.82 -23.62 -8.31
N TYR A 89 17.76 -22.46 -7.64
CA TYR A 89 18.66 -21.34 -7.91
C TYR A 89 19.51 -20.98 -6.69
N LEU A 90 19.66 -21.91 -5.74
CA LEU A 90 20.40 -21.70 -4.51
C LEU A 90 21.84 -21.27 -4.74
N ARG A 91 22.47 -21.76 -5.81
CA ARG A 91 23.90 -21.59 -6.02
C ARG A 91 24.24 -20.34 -6.80
N CYS A 92 23.27 -19.43 -7.01
CA CYS A 92 23.48 -18.21 -7.76
C CYS A 92 23.32 -17.00 -6.84
N ARG A 93 24.40 -16.23 -6.64
CA ARG A 93 24.25 -15.01 -5.87
C ARG A 93 24.99 -13.83 -6.50
N ASN A 94 25.46 -13.95 -7.75
CA ASN A 94 26.25 -12.89 -8.39
C ASN A 94 25.36 -11.98 -9.23
N TYR A 95 24.46 -11.28 -8.54
CA TYR A 95 23.54 -10.38 -9.21
C TYR A 95 24.11 -8.96 -9.23
N SER A 96 23.76 -8.20 -10.26
CA SER A 96 24.34 -6.88 -10.47
CA SER A 96 24.33 -6.87 -10.49
C SER A 96 23.46 -5.77 -9.90
N LEU A 97 24.10 -4.66 -9.58
CA LEU A 97 23.42 -3.47 -9.11
C LEU A 97 22.97 -2.65 -10.32
N LEU A 98 21.67 -2.45 -10.45
CA LEU A 98 21.13 -1.65 -11.55
C LEU A 98 21.00 -0.15 -11.20
N ILE A 99 20.76 0.17 -9.94
CA ILE A 99 20.70 1.55 -9.47
C ILE A 99 21.61 1.60 -8.25
N ASP A 100 22.66 2.43 -8.31
CA ASP A 100 23.62 2.56 -7.22
C ASP A 100 23.69 4.02 -6.74
N GLN A 101 24.27 4.21 -5.55
CA GLN A 101 24.63 5.54 -5.03
C GLN A 101 26.07 5.39 -4.55
N PRO A 102 27.03 5.36 -5.47
CA PRO A 102 28.40 4.94 -5.10
C PRO A 102 29.12 5.90 -4.17
N ASP A 103 28.72 7.17 -4.10
CA ASP A 103 29.34 8.14 -3.19
C ASP A 103 28.47 8.43 -1.97
N LYS A 104 27.46 7.59 -1.70
CA LYS A 104 26.63 7.72 -0.52
C LYS A 104 27.46 7.87 0.75
N CYS A 105 28.59 7.18 0.82
CA CYS A 105 29.40 7.19 2.04
C CYS A 105 30.71 7.91 1.83
N ALA A 106 30.74 8.83 0.87
CA ALA A 106 31.97 9.57 0.61
C ALA A 106 32.45 10.29 1.86
N LYS A 107 31.52 10.82 2.66
CA LYS A 107 31.86 11.28 3.99
C LYS A 107 31.53 10.11 4.91
N LYS A 108 32.55 9.60 5.58
CA LYS A 108 32.41 8.36 6.33
C LYS A 108 31.31 8.53 7.38
N PRO A 109 30.27 7.72 7.34
CA PRO A 109 29.13 7.91 8.25
C PRO A 109 29.39 7.35 9.65
N PHE A 110 28.72 7.95 10.62
CA PHE A 110 28.58 7.33 11.92
C PHE A 110 27.57 6.20 11.88
N LEU A 111 26.42 6.46 11.24
CA LEU A 111 25.35 5.47 11.19
C LEU A 111 24.80 5.40 9.78
N LEU A 112 24.77 4.17 9.23
CA LEU A 112 24.12 3.86 7.95
C LEU A 112 22.78 3.24 8.26
N LEU A 113 21.68 3.85 7.74
CA LEU A 113 20.35 3.27 7.88
C LEU A 113 20.06 2.56 6.58
N ALA A 114 19.85 1.25 6.63
CA ALA A 114 19.59 0.44 5.42
C ALA A 114 18.25 -0.24 5.57
N ILE A 115 17.29 0.15 4.72
CA ILE A 115 15.88 -0.23 4.94
C ILE A 115 15.44 -1.09 3.79
N LYS A 116 14.98 -2.32 4.10
CA LYS A 116 14.44 -3.24 3.08
C LYS A 116 13.12 -2.70 2.57
N SER A 117 12.97 -2.68 1.25
CA SER A 117 11.71 -2.18 0.71
C SER A 117 11.40 -2.90 -0.60
N LEU A 118 10.16 -2.69 -1.10
CA LEU A 118 9.70 -3.25 -2.36
C LEU A 118 9.30 -2.06 -3.23
N THR A 119 9.50 -2.18 -4.56
CA THR A 119 9.18 -1.07 -5.48
C THR A 119 7.90 -0.29 -5.15
N PRO A 120 6.72 -0.91 -4.97
CA PRO A 120 5.49 -0.11 -4.81
C PRO A 120 5.38 0.66 -3.49
N HIS A 121 6.28 0.49 -2.54
CA HIS A 121 6.11 1.08 -1.21
C HIS A 121 6.60 2.53 -1.16
N PHE A 122 6.10 3.36 -2.08
CA PHE A 122 6.54 4.76 -2.15
C PHE A 122 6.20 5.54 -0.86
N ALA A 123 4.98 5.38 -0.34
CA ALA A 123 4.59 6.14 0.85
C ALA A 123 5.41 5.74 2.08
N ARG A 124 5.68 4.44 2.25
CA ARG A 124 6.56 4.00 3.35
C ARG A 124 7.93 4.66 3.26
N ARG A 125 8.57 4.63 2.07
CA ARG A 125 9.91 5.21 1.97
C ARG A 125 9.88 6.69 2.22
N GLN A 126 8.88 7.39 1.67
CA GLN A 126 8.88 8.83 1.83
C GLN A 126 8.61 9.21 3.29
N ALA A 127 7.75 8.45 3.98
CA ALA A 127 7.51 8.74 5.41
C ALA A 127 8.77 8.54 6.22
N ILE A 128 9.55 7.50 5.87
CA ILE A 128 10.82 7.29 6.57
C ILE A 128 11.77 8.45 6.31
N ARG A 129 11.86 8.92 5.06
CA ARG A 129 12.74 10.06 4.79
C ARG A 129 12.40 11.26 5.66
N GLU A 130 11.10 11.54 5.83
CA GLU A 130 10.67 12.72 6.53
C GLU A 130 10.71 12.58 8.05
N SER A 131 10.84 11.35 8.56
CA SER A 131 10.69 11.16 9.99
C SER A 131 12.00 10.57 10.50
N TRP A 132 12.01 9.29 10.85
CA TRP A 132 13.16 8.77 11.59
C TRP A 132 14.37 8.47 10.69
N GLY A 133 14.18 8.42 9.38
CA GLY A 133 15.27 8.11 8.45
C GLY A 133 15.93 9.33 7.83
N GLN A 134 15.68 10.52 8.35
CA GLN A 134 16.28 11.72 7.81
C GLN A 134 17.81 11.62 7.90
N GLU A 135 18.47 12.11 6.85
CA GLU A 135 19.93 12.15 6.94
C GLU A 135 20.37 13.35 7.77
N SER A 136 21.57 13.28 8.35
CA SER A 136 21.91 14.38 9.23
C SER A 136 23.40 14.42 9.39
N ASN A 137 23.85 15.50 10.10
CA ASN A 137 25.24 15.74 10.45
CA ASN A 137 25.25 15.65 10.51
C ASN A 137 25.39 16.29 11.89
N ALA A 138 24.43 16.05 12.79
CA ALA A 138 24.51 16.64 14.13
C ALA A 138 25.74 16.14 14.90
N GLY A 139 26.41 17.06 15.60
CA GLY A 139 27.65 16.73 16.29
C GLY A 139 28.73 16.18 15.38
N ASN A 140 28.62 16.45 14.08
CA ASN A 140 29.50 15.89 13.06
C ASN A 140 29.52 14.37 13.12
N GLN A 141 28.36 13.78 13.50
CA GLN A 141 28.10 12.35 13.43
C GLN A 141 27.08 12.14 12.32
N THR A 142 27.57 11.83 11.16
CA THR A 142 26.73 11.78 9.97
C THR A 142 25.86 10.53 9.94
N VAL A 143 24.61 10.70 9.51
CA VAL A 143 23.66 9.60 9.33
C VAL A 143 23.29 9.59 7.86
N VAL A 144 23.42 8.43 7.19
CA VAL A 144 23.07 8.33 5.78
C VAL A 144 22.06 7.21 5.63
N ARG A 145 21.27 7.29 4.55
CA ARG A 145 20.15 6.38 4.37
C ARG A 145 20.17 5.72 2.99
N VAL A 146 19.91 4.42 2.94
CA VAL A 146 19.66 3.74 1.67
C VAL A 146 18.46 2.80 1.81
N PHE A 147 17.71 2.64 0.72
CA PHE A 147 16.65 1.65 0.60
C PHE A 147 17.14 0.52 -0.29
N LEU A 148 16.80 -0.71 0.07
CA LEU A 148 17.34 -1.94 -0.52
C LEU A 148 16.21 -2.61 -1.28
N LEU A 149 16.33 -2.63 -2.62
CA LEU A 149 15.27 -3.16 -3.49
C LEU A 149 15.85 -4.19 -4.45
N GLY A 150 15.05 -5.20 -4.79
CA GLY A 150 15.27 -6.00 -5.98
C GLY A 150 14.25 -5.63 -7.04
N GLN A 151 14.12 -6.49 -8.05
CA GLN A 151 13.14 -6.27 -9.13
C GLN A 151 11.77 -6.75 -8.73
N THR A 152 10.72 -6.07 -9.26
CA THR A 152 9.32 -6.52 -9.17
C THR A 152 8.87 -6.77 -10.61
N PRO A 153 9.18 -7.93 -11.16
CA PRO A 153 9.12 -8.08 -12.63
C PRO A 153 7.70 -8.39 -13.09
N PRO A 154 7.41 -8.14 -14.36
CA PRO A 154 6.05 -8.45 -14.89
C PRO A 154 5.69 -9.92 -14.84
N GLU A 155 6.66 -10.85 -14.91
CA GLU A 155 6.36 -12.28 -14.81
C GLU A 155 5.71 -12.66 -13.48
N ASP A 156 5.92 -11.87 -12.44
CA ASP A 156 5.26 -12.06 -11.15
C ASP A 156 4.00 -11.18 -11.07
N ASN A 157 3.52 -10.69 -12.22
CA ASN A 157 2.28 -9.89 -12.32
C ASN A 157 2.38 -8.55 -11.60
N HIS A 158 3.55 -8.04 -11.38
CA HIS A 158 3.73 -6.71 -10.76
C HIS A 158 3.43 -5.62 -11.77
N PRO A 159 2.71 -4.56 -11.36
CA PRO A 159 2.60 -3.37 -12.23
C PRO A 159 3.97 -2.81 -12.53
N ASP A 160 4.10 -2.25 -13.74
CA ASP A 160 5.39 -1.67 -14.13
C ASP A 160 5.51 -0.28 -13.51
N LEU A 161 6.31 -0.17 -12.48
CA LEU A 161 6.53 1.09 -11.79
C LEU A 161 7.96 1.60 -12.01
N SER A 162 8.58 1.17 -13.12
CA SER A 162 9.95 1.61 -13.38
CA SER A 162 9.94 1.61 -13.43
C SER A 162 10.04 3.14 -13.55
N ASP A 163 9.07 3.77 -14.22
CA ASP A 163 9.10 5.24 -14.36
C ASP A 163 9.05 5.96 -13.00
N MSE A 164 8.12 5.57 -12.12
CA MSE A 164 8.04 6.16 -10.80
C MSE A 164 9.32 5.91 -10.01
O MSE A 164 9.80 6.80 -9.34
CB MSE A 164 6.84 5.60 -10.03
CG MSE A 164 5.45 5.91 -10.67
SE MSE A 164 5.06 7.85 -11.00
CE MSE A 164 5.12 7.75 -12.91
N LEU A 165 9.88 4.68 -10.11
CA LEU A 165 11.05 4.36 -9.29
C LEU A 165 12.25 5.17 -9.74
N LYS A 166 12.38 5.38 -11.06
CA LYS A 166 13.44 6.23 -11.59
C LYS A 166 13.26 7.67 -11.15
N PHE A 167 12.02 8.18 -11.17
CA PHE A 167 11.78 9.53 -10.71
C PHE A 167 12.20 9.65 -9.24
N GLU A 168 11.79 8.66 -8.43
CA GLU A 168 12.11 8.68 -7.00
C GLU A 168 13.62 8.62 -6.77
N SER A 169 14.29 7.73 -7.49
CA SER A 169 15.75 7.60 -7.36
C SER A 169 16.49 8.88 -7.75
N GLU A 170 16.06 9.54 -8.85
CA GLU A 170 16.69 10.79 -9.24
C GLU A 170 16.42 11.89 -8.21
N LYS A 171 15.24 11.91 -7.62
CA LYS A 171 14.90 12.97 -6.69
C LYS A 171 15.63 12.81 -5.35
N HIS A 172 15.65 11.60 -4.81
CA HIS A 172 16.07 11.40 -3.43
C HIS A 172 17.43 10.72 -3.32
N GLN A 173 17.92 10.11 -4.39
CA GLN A 173 19.32 9.60 -4.43
C GLN A 173 19.61 8.63 -3.29
N ASP A 174 18.69 7.73 -3.02
CA ASP A 174 18.87 6.85 -1.87
C ASP A 174 18.35 5.45 -2.15
N ILE A 175 18.18 5.08 -3.43
CA ILE A 175 17.67 3.76 -3.79
C ILE A 175 18.87 2.93 -4.27
N LEU A 176 19.01 1.75 -3.72
CA LEU A 176 19.90 0.73 -4.27
C LEU A 176 19.04 -0.39 -4.82
N MSE A 177 19.22 -0.73 -6.09
CA MSE A 177 18.41 -1.77 -6.70
C MSE A 177 19.23 -2.77 -7.44
O MSE A 177 20.06 -2.39 -8.30
CB MSE A 177 17.42 -1.12 -7.65
CG MSE A 177 16.18 -1.98 -7.82
SE MSE A 177 16.23 -2.89 -9.57
CE MSE A 177 15.08 -1.63 -10.56
N TRP A 178 19.02 -4.05 -7.13
CA TRP A 178 19.73 -5.12 -7.79
C TRP A 178 18.82 -5.94 -8.71
N ASN A 179 19.43 -6.66 -9.64
CA ASN A 179 18.73 -7.39 -10.71
CA ASN A 179 18.71 -7.38 -10.72
C ASN A 179 18.40 -8.83 -10.31
N TYR A 180 17.72 -8.99 -9.19
CA TYR A 180 17.17 -10.28 -8.83
C TYR A 180 15.68 -10.09 -8.46
N ARG A 181 14.91 -11.16 -8.51
CA ARG A 181 13.48 -11.15 -8.22
C ARG A 181 13.25 -10.94 -6.70
N ASP A 182 12.65 -9.81 -6.33
CA ASP A 182 12.47 -9.46 -4.91
C ASP A 182 11.29 -10.26 -4.36
N THR A 183 11.57 -11.22 -3.51
CA THR A 183 10.57 -12.09 -2.89
C THR A 183 10.98 -12.35 -1.45
N PHE A 184 10.05 -12.89 -0.64
CA PHE A 184 10.43 -13.18 0.74
C PHE A 184 11.60 -14.14 0.80
N PHE A 185 11.57 -15.20 -0.02
CA PHE A 185 12.63 -16.21 0.08
C PHE A 185 13.93 -15.77 -0.57
N ASN A 186 13.98 -14.62 -1.26
CA ASN A 186 15.24 -14.04 -1.70
C ASN A 186 15.75 -12.96 -0.75
N LEU A 187 15.12 -12.81 0.45
CA LEU A 187 15.63 -11.78 1.36
C LEU A 187 17.03 -12.10 1.86
N SER A 188 17.43 -13.39 1.94
CA SER A 188 18.82 -13.57 2.38
C SER A 188 19.77 -13.15 1.26
N LEU A 189 19.33 -13.26 0.03
CA LEU A 189 20.06 -12.65 -1.08
C LEU A 189 20.13 -11.14 -0.96
N LYS A 190 19.02 -10.49 -0.58
CA LYS A 190 19.06 -9.06 -0.32
C LYS A 190 20.10 -8.72 0.76
N GLU A 191 20.18 -9.56 1.80
CA GLU A 191 21.15 -9.38 2.86
C GLU A 191 22.59 -9.50 2.32
N VAL A 192 22.87 -10.57 1.55
CA VAL A 192 24.25 -10.78 1.06
C VAL A 192 24.67 -9.67 0.11
N LEU A 193 23.77 -9.28 -0.82
CA LEU A 193 24.12 -8.21 -1.75
C LEU A 193 24.30 -6.87 -1.03
N PHE A 194 23.51 -6.61 0.01
CA PHE A 194 23.70 -5.40 0.77
C PHE A 194 25.05 -5.43 1.48
N LEU A 195 25.38 -6.56 2.12
CA LEU A 195 26.69 -6.63 2.79
C LEU A 195 27.82 -6.45 1.78
N ARG A 196 27.65 -6.97 0.56
CA ARG A 196 28.65 -6.78 -0.48
CA ARG A 196 28.65 -6.78 -0.48
C ARG A 196 28.78 -5.30 -0.81
N TRP A 197 27.64 -4.58 -0.85
CA TRP A 197 27.70 -3.14 -1.09
C TRP A 197 28.36 -2.41 0.09
N VAL A 198 28.09 -2.83 1.33
CA VAL A 198 28.82 -2.20 2.44
C VAL A 198 30.31 -2.37 2.24
N SER A 199 30.73 -3.57 1.83
CA SER A 199 32.16 -3.85 1.67
C SER A 199 32.78 -3.01 0.55
N THR A 200 32.03 -2.81 -0.56
CA THR A 200 32.61 -2.11 -1.70
C THR A 200 32.44 -0.60 -1.59
N SER A 201 31.31 -0.15 -1.06
CA SER A 201 30.94 1.25 -1.18
C SER A 201 30.67 1.94 0.15
N CYS A 202 30.59 1.22 1.28
CA CYS A 202 30.45 1.94 2.53
C CYS A 202 31.22 1.27 3.64
N PRO A 203 32.49 0.93 3.43
CA PRO A 203 33.17 0.06 4.40
C PRO A 203 33.53 0.76 5.70
N ASP A 204 33.46 2.07 5.79
CA ASP A 204 33.96 2.74 6.99
C ASP A 204 32.84 3.30 7.87
N THR A 205 31.59 2.98 7.58
CA THR A 205 30.53 3.43 8.50
C THR A 205 30.77 2.83 9.89
N GLU A 206 30.61 3.65 10.93
CA GLU A 206 30.89 3.10 12.27
C GLU A 206 29.87 2.04 12.64
N PHE A 207 28.58 2.31 12.33
CA PHE A 207 27.48 1.42 12.66
C PHE A 207 26.48 1.30 11.51
N VAL A 208 25.71 0.22 11.56
CA VAL A 208 24.69 -0.09 10.57
C VAL A 208 23.41 -0.42 11.30
N PHE A 209 22.29 0.18 10.86
CA PHE A 209 20.98 -0.26 11.29
C PHE A 209 20.34 -0.85 10.05
N LYS A 210 19.95 -2.11 10.10
CA LYS A 210 19.23 -2.72 8.99
C LYS A 210 17.82 -3.04 9.45
N GLY A 211 16.82 -2.56 8.72
CA GLY A 211 15.47 -2.78 9.21
C GLY A 211 14.46 -2.74 8.10
N ASP A 212 13.19 -2.90 8.49
CA ASP A 212 12.08 -3.03 7.57
C ASP A 212 11.43 -1.67 7.33
N ASP A 213 10.64 -1.58 6.26
CA ASP A 213 10.07 -0.28 5.95
C ASP A 213 8.70 -0.05 6.59
N ASP A 214 8.29 -0.90 7.53
CA ASP A 214 7.05 -0.75 8.29
C ASP A 214 7.32 -0.65 9.79
N VAL A 215 8.53 -0.31 10.21
CA VAL A 215 8.81 -0.12 11.62
C VAL A 215 9.01 1.37 11.92
N PHE A 216 8.66 1.78 13.15
CA PHE A 216 9.07 3.10 13.62
C PHE A 216 10.37 2.90 14.41
N VAL A 217 11.37 3.74 14.16
CA VAL A 217 12.67 3.65 14.82
C VAL A 217 12.92 4.95 15.55
N ASN A 218 13.27 4.88 16.83
CA ASN A 218 13.67 6.10 17.52
C ASN A 218 15.15 6.30 17.30
N THR A 219 15.48 7.00 16.22
CA THR A 219 16.87 7.16 15.82
C THR A 219 17.67 7.99 16.85
N HIS A 220 17.04 8.92 17.54
CA HIS A 220 17.76 9.66 18.59
C HIS A 220 18.20 8.74 19.70
N HIS A 221 17.33 7.79 20.06
CA HIS A 221 17.69 6.87 21.13
C HIS A 221 18.78 5.93 20.65
N ILE A 222 18.71 5.50 19.38
CA ILE A 222 19.79 4.67 18.83
C ILE A 222 21.09 5.42 18.88
N LEU A 223 21.09 6.69 18.49
CA LEU A 223 22.36 7.43 18.51
C LEU A 223 22.89 7.60 19.94
N ASN A 224 22.00 7.89 20.88
CA ASN A 224 22.42 7.99 22.28
C ASN A 224 23.02 6.69 22.77
N TYR A 225 22.43 5.56 22.37
CA TYR A 225 22.98 4.26 22.77
C TYR A 225 24.35 4.03 22.16
N LEU A 226 24.51 4.31 20.86
CA LEU A 226 25.81 4.06 20.21
C LEU A 226 26.91 4.92 20.84
N ASN A 227 26.58 6.15 21.18
CA ASN A 227 27.58 7.03 21.78
C ASN A 227 27.92 6.64 23.21
N SER A 228 27.15 5.75 23.83
CA SER A 228 27.47 5.29 25.17
C SER A 228 28.41 4.09 25.16
N LEU A 229 28.73 3.52 24.00
CA LEU A 229 29.41 2.24 23.96
C LEU A 229 30.91 2.43 24.18
N SER A 230 31.50 1.48 24.89
CA SER A 230 32.96 1.42 24.97
C SER A 230 33.52 1.04 23.61
N LYS A 231 34.81 1.31 23.43
CA LYS A 231 35.44 0.89 22.18
C LYS A 231 35.35 -0.61 21.99
N THR A 232 35.39 -1.36 23.10
CA THR A 232 35.42 -2.82 23.03
C THR A 232 34.05 -3.40 22.66
N LYS A 233 33.00 -2.95 23.36
CA LYS A 233 31.66 -3.43 23.02
C LYS A 233 31.26 -2.97 21.62
N ALA A 234 31.84 -1.88 21.13
CA ALA A 234 31.46 -1.35 19.82
C ALA A 234 32.02 -2.16 18.67
N LYS A 235 33.28 -2.66 18.74
CA LYS A 235 33.90 -3.29 17.56
C LYS A 235 33.11 -4.50 17.02
N ASP A 236 32.37 -5.20 17.87
CA ASP A 236 31.62 -6.38 17.41
C ASP A 236 30.16 -6.30 17.87
N LEU A 237 29.65 -5.09 18.03
CA LEU A 237 28.24 -4.90 18.39
C LEU A 237 27.29 -5.62 17.43
N PHE A 238 26.36 -6.39 17.99
CA PHE A 238 25.21 -6.89 17.21
C PHE A 238 24.07 -7.11 18.19
N ILE A 239 23.02 -6.25 18.12
CA ILE A 239 21.93 -6.31 19.09
C ILE A 239 20.60 -6.25 18.34
N GLY A 240 19.58 -6.79 19.00
CA GLY A 240 18.23 -6.72 18.44
C GLY A 240 17.30 -7.54 19.32
N ASP A 241 16.19 -7.97 18.71
CA ASP A 241 15.26 -8.85 19.41
C ASP A 241 15.69 -10.28 19.15
N VAL A 242 16.58 -10.77 20.00
CA VAL A 242 17.27 -12.04 19.78
C VAL A 242 16.48 -13.17 20.44
N ILE A 243 16.28 -14.26 19.71
CA ILE A 243 15.66 -15.48 20.22
C ILE A 243 16.68 -16.61 20.12
N HIS A 244 16.76 -17.41 21.20
CA HIS A 244 17.54 -18.64 21.25
C HIS A 244 16.64 -19.85 21.12
N ASN A 245 17.17 -20.91 20.51
CA ASN A 245 16.54 -22.23 20.50
C ASN A 245 15.22 -22.24 19.74
N ALA A 246 15.05 -21.36 18.77
CA ALA A 246 13.88 -21.50 17.93
C ALA A 246 14.15 -22.58 16.89
N GLY A 247 13.08 -23.10 16.32
CA GLY A 247 13.21 -24.06 15.25
C GLY A 247 12.26 -23.75 14.12
N PRO A 248 12.44 -24.42 12.99
CA PRO A 248 11.57 -24.15 11.84
C PRO A 248 10.10 -24.41 12.14
N HIS A 249 9.26 -23.51 11.65
CA HIS A 249 7.83 -23.76 11.70
C HIS A 249 7.47 -24.88 10.73
N ARG A 250 6.72 -25.87 11.21
CA ARG A 250 6.40 -27.02 10.38
C ARG A 250 4.97 -27.02 9.87
N ASP A 251 4.17 -26.00 10.21
CA ASP A 251 2.79 -25.90 9.79
C ASP A 251 2.72 -25.22 8.43
N LYS A 252 2.24 -25.98 7.42
CA LYS A 252 2.30 -25.55 6.02
C LYS A 252 1.58 -24.24 5.77
N LYS A 253 0.68 -23.82 6.66
CA LYS A 253 -0.06 -22.59 6.47
C LYS A 253 0.68 -21.35 6.97
N LEU A 254 1.82 -21.50 7.64
CA LEU A 254 2.47 -20.36 8.28
C LEU A 254 3.44 -19.68 7.32
N LYS A 255 3.58 -18.37 7.47
CA LYS A 255 4.45 -17.61 6.57
C LYS A 255 5.87 -18.16 6.57
N TYR A 256 6.39 -18.51 7.75
CA TYR A 256 7.75 -19.01 7.84
C TYR A 256 7.82 -20.53 7.91
N TYR A 257 6.84 -21.22 7.33
CA TYR A 257 6.93 -22.67 7.17
C TYR A 257 8.20 -23.11 6.45
N ILE A 258 8.85 -24.14 6.98
CA ILE A 258 10.00 -24.77 6.32
C ILE A 258 9.78 -26.28 6.43
N PRO A 259 9.68 -27.02 5.32
CA PRO A 259 9.54 -28.48 5.39
C PRO A 259 10.74 -29.16 6.04
N GLU A 260 10.47 -30.34 6.64
CA GLU A 260 11.54 -31.15 7.19
C GLU A 260 12.55 -31.56 6.12
N VAL A 261 12.11 -31.71 4.88
CA VAL A 261 13.04 -32.10 3.82
C VAL A 261 14.00 -30.98 3.44
N VAL A 262 13.73 -29.74 3.84
CA VAL A 262 14.62 -28.63 3.53
C VAL A 262 15.59 -28.35 4.67
N TYR A 263 15.12 -28.31 5.92
CA TYR A 263 15.98 -27.97 7.05
C TYR A 263 15.59 -28.79 8.26
N SER A 264 16.59 -29.32 8.97
CA SER A 264 16.31 -30.07 10.18
C SER A 264 17.01 -29.45 11.39
N GLY A 265 16.43 -29.64 12.57
CA GLY A 265 17.05 -29.19 13.81
C GLY A 265 16.65 -27.77 14.16
N LEU A 266 17.43 -27.16 15.04
CA LEU A 266 17.04 -25.84 15.53
C LEU A 266 17.85 -24.75 14.84
N TYR A 267 17.40 -23.55 15.02
CA TYR A 267 18.05 -22.36 14.47
C TYR A 267 19.12 -21.84 15.42
N PRO A 268 20.17 -21.22 14.91
CA PRO A 268 21.12 -20.53 15.78
C PRO A 268 20.46 -19.32 16.40
N PRO A 269 21.05 -18.70 17.43
CA PRO A 269 20.46 -17.48 17.99
C PRO A 269 20.38 -16.43 16.88
N TYR A 270 19.27 -15.71 16.82
CA TYR A 270 19.21 -14.73 15.75
C TYR A 270 18.31 -13.57 16.17
N ALA A 271 18.64 -12.40 15.64
CA ALA A 271 17.83 -11.20 15.82
C ALA A 271 16.82 -11.11 14.69
N GLY A 272 15.55 -10.93 15.04
CA GLY A 272 14.51 -10.85 14.02
C GLY A 272 13.49 -9.78 14.29
N GLY A 273 12.41 -9.74 13.53
CA GLY A 273 11.27 -8.96 13.96
C GLY A 273 11.17 -7.53 13.43
N GLY A 274 12.15 -7.05 12.68
CA GLY A 274 11.95 -5.71 12.12
C GLY A 274 13.19 -4.85 12.01
N GLY A 275 14.23 -5.13 12.79
CA GLY A 275 15.45 -4.39 12.62
C GLY A 275 16.47 -4.82 13.66
N PHE A 276 17.72 -4.57 13.32
CA PHE A 276 18.82 -4.84 14.25
C PHE A 276 19.96 -3.87 13.98
N LEU A 277 20.89 -3.80 14.92
CA LEU A 277 21.91 -2.74 14.94
C LEU A 277 23.27 -3.36 15.17
N TYR A 278 24.25 -3.00 14.33
CA TYR A 278 25.55 -3.67 14.47
C TYR A 278 26.68 -2.78 13.99
N SER A 279 27.93 -3.21 14.26
CA SER A 279 29.04 -2.34 13.91
C SER A 279 29.45 -2.54 12.45
N GLY A 280 29.96 -1.46 11.82
CA GLY A 280 30.43 -1.58 10.45
C GLY A 280 31.60 -2.55 10.34
N HIS A 281 32.41 -2.59 11.37
CA HIS A 281 33.54 -3.54 11.38
C HIS A 281 33.03 -4.96 11.29
N LEU A 282 32.01 -5.28 12.10
CA LEU A 282 31.39 -6.59 12.02
C LEU A 282 30.70 -6.81 10.67
N ALA A 283 30.08 -5.77 10.09
CA ALA A 283 29.52 -5.92 8.73
C ALA A 283 30.54 -6.48 7.76
N LEU A 284 31.79 -6.00 7.81
CA LEU A 284 32.79 -6.51 6.87
C LEU A 284 33.09 -7.97 7.17
N ARG A 285 33.20 -8.33 8.45
CA ARG A 285 33.47 -9.72 8.79
C ARG A 285 32.31 -10.59 8.37
N LEU A 286 31.07 -10.07 8.53
CA LEU A 286 29.92 -10.83 8.08
C LEU A 286 29.96 -11.02 6.56
N TYR A 287 30.25 -9.96 5.80
CA TYR A 287 30.28 -10.16 4.34
C TYR A 287 31.26 -11.26 3.97
N HIS A 288 32.46 -11.22 4.57
CA HIS A 288 33.48 -12.17 4.17
CA HIS A 288 33.50 -12.16 4.19
C HIS A 288 33.02 -13.61 4.43
N ILE A 289 32.30 -13.85 5.52
CA ILE A 289 31.89 -15.22 5.84
C ILE A 289 30.67 -15.67 5.03
N THR A 290 29.95 -14.76 4.34
CA THR A 290 28.74 -15.24 3.64
C THR A 290 29.06 -16.28 2.58
N ASP A 291 30.24 -16.24 1.95
CA ASP A 291 30.53 -17.30 0.97
C ASP A 291 30.51 -18.69 1.58
N GLN A 292 30.68 -18.79 2.90
CA GLN A 292 30.78 -20.09 3.55
C GLN A 292 29.44 -20.58 4.05
N VAL A 293 28.37 -19.82 3.84
CA VAL A 293 27.06 -20.20 4.36
C VAL A 293 26.08 -20.20 3.19
N HIS A 294 25.43 -21.33 2.95
CA HIS A 294 24.39 -21.36 1.91
C HIS A 294 23.25 -20.44 2.27
N LEU A 295 22.69 -19.78 1.24
CA LEU A 295 21.50 -18.94 1.45
C LEU A 295 20.38 -19.75 2.09
N TYR A 296 19.43 -19.03 2.71
CA TYR A 296 18.41 -19.69 3.53
C TYR A 296 17.13 -18.92 3.30
N PRO A 297 15.95 -19.56 3.33
CA PRO A 297 14.72 -18.87 2.92
C PRO A 297 14.30 -17.75 3.86
N ILE A 298 14.86 -17.69 5.07
CA ILE A 298 14.50 -16.69 6.06
C ILE A 298 15.75 -15.85 6.35
N ASP A 299 15.70 -14.55 5.98
CA ASP A 299 16.93 -13.75 5.98
C ASP A 299 17.53 -13.62 7.38
N ASP A 300 16.70 -13.41 8.39
CA ASP A 300 17.27 -13.15 9.71
C ASP A 300 17.89 -14.41 10.30
N VAL A 301 17.42 -15.58 9.90
CA VAL A 301 18.07 -16.80 10.32
C VAL A 301 19.45 -16.91 9.66
N TYR A 302 19.51 -16.56 8.37
CA TYR A 302 20.79 -16.56 7.65
C TYR A 302 21.82 -15.67 8.35
N THR A 303 21.41 -14.45 8.73
CA THR A 303 22.37 -13.58 9.42
C THR A 303 22.85 -14.23 10.71
N GLY A 304 21.95 -14.90 11.42
CA GLY A 304 22.36 -15.60 12.65
C GLY A 304 23.32 -16.74 12.37
N MSE A 305 23.14 -17.43 11.26
CA MSE A 305 24.04 -18.52 10.85
C MSE A 305 25.44 -17.95 10.53
O MSE A 305 26.46 -18.61 10.88
CB MSE A 305 23.52 -19.27 9.61
CG MSE A 305 22.31 -20.10 9.85
SE MSE A 305 21.45 -20.47 8.15
CE MSE A 305 20.24 -21.86 8.74
N CYS A 306 25.50 -16.76 9.92
CA CYS A 306 26.80 -16.14 9.64
C CYS A 306 27.49 -15.72 10.94
N LEU A 307 26.74 -15.09 11.86
CA LEU A 307 27.32 -14.73 13.16
C LEU A 307 27.85 -15.95 13.89
N GLN A 308 27.08 -17.04 13.89
CA GLN A 308 27.53 -18.23 14.59
C GLN A 308 28.83 -18.75 14.01
N LYS A 309 28.99 -18.65 12.69
CA LYS A 309 30.23 -19.13 12.10
C LYS A 309 31.41 -18.26 12.50
N LEU A 310 31.16 -16.97 12.75
CA LEU A 310 32.20 -16.10 13.30
C LEU A 310 32.47 -16.35 14.77
N GLY A 311 31.68 -17.18 15.43
CA GLY A 311 31.87 -17.39 16.84
C GLY A 311 31.26 -16.32 17.72
N LEU A 312 30.31 -15.55 17.21
CA LEU A 312 29.66 -14.47 17.96
C LEU A 312 28.23 -14.87 18.27
N VAL A 313 27.69 -14.31 19.35
CA VAL A 313 26.29 -14.50 19.69
C VAL A 313 25.64 -13.11 19.76
N PRO A 314 24.60 -12.86 18.96
CA PRO A 314 23.90 -11.56 19.03
C PRO A 314 23.20 -11.43 20.37
N GLU A 315 23.08 -10.20 20.85
CA GLU A 315 22.58 -9.95 22.19
C GLU A 315 21.24 -9.23 22.17
N LYS A 316 20.36 -9.68 23.05
CA LYS A 316 19.02 -9.14 23.12
C LYS A 316 19.05 -7.75 23.74
N HIS A 317 18.33 -6.82 23.13
CA HIS A 317 18.08 -5.50 23.72
C HIS A 317 16.57 -5.30 23.79
N LYS A 318 16.05 -5.03 24.99
CA LYS A 318 14.60 -4.96 25.18
C LYS A 318 13.95 -3.77 24.48
N GLY A 319 14.74 -2.81 23.98
CA GLY A 319 14.13 -1.70 23.27
C GLY A 319 13.66 -2.03 21.86
N PHE A 320 13.91 -3.23 21.37
CA PHE A 320 13.45 -3.65 20.04
C PHE A 320 12.10 -4.32 20.25
N ARG A 321 11.02 -3.54 20.11
CA ARG A 321 9.67 -4.01 20.46
C ARG A 321 9.01 -4.57 19.19
N THR A 322 9.46 -5.76 18.80
CA THR A 322 9.03 -6.32 17.53
C THR A 322 7.62 -6.90 17.60
N PHE A 323 7.02 -7.01 18.80
CA PHE A 323 5.61 -7.40 18.93
C PHE A 323 4.75 -6.24 19.40
N ASP A 324 5.19 -5.02 19.13
CA ASP A 324 4.45 -3.78 19.43
C ASP A 324 4.51 -3.53 20.93
N ILE A 325 3.82 -2.48 21.37
CA ILE A 325 3.73 -2.15 22.78
C ILE A 325 2.29 -2.38 23.22
N GLU A 326 2.08 -2.42 24.55
CA GLU A 326 0.73 -2.67 25.06
C GLU A 326 -0.23 -1.65 24.49
N GLU A 327 -1.46 -2.11 24.19
CA GLU A 327 -2.47 -1.23 23.62
C GLU A 327 -2.64 0.04 24.43
N LYS A 328 -2.61 -0.07 25.77
CA LYS A 328 -2.84 1.07 26.63
C LYS A 328 -1.73 2.11 26.54
N ASN A 329 -0.54 1.72 26.12
CA ASN A 329 0.58 2.64 26.03
C ASN A 329 0.79 3.21 24.64
N LYS A 330 0.01 2.74 23.64
CA LYS A 330 0.29 3.10 22.25
C LYS A 330 0.02 4.57 21.96
N ASN A 331 -0.87 5.20 22.73
CA ASN A 331 -1.21 6.60 22.54
C ASN A 331 -0.54 7.50 23.55
N ASN A 332 0.50 7.01 24.22
CA ASN A 332 1.31 7.81 25.12
C ASN A 332 2.68 7.97 24.49
N ILE A 333 3.00 9.19 24.08
CA ILE A 333 4.29 9.42 23.41
C ILE A 333 5.46 9.03 24.31
N CYS A 334 5.30 9.07 25.63
CA CYS A 334 6.41 8.66 26.49
C CYS A 334 6.81 7.20 26.31
N SER A 335 5.88 6.34 25.85
CA SER A 335 6.23 4.96 25.53
C SER A 335 7.26 4.84 24.40
N TYR A 336 7.36 5.86 23.54
CA TYR A 336 8.26 5.80 22.41
C TYR A 336 9.63 6.38 22.72
N VAL A 337 9.73 7.14 23.83
CA VAL A 337 10.98 7.78 24.21
C VAL A 337 12.02 6.74 24.56
N ASP A 338 11.61 5.67 25.23
CA ASP A 338 12.54 4.70 25.80
C ASP A 338 12.68 3.43 24.95
N LEU A 339 12.32 3.47 23.68
CA LEU A 339 12.51 2.29 22.85
C LEU A 339 13.42 2.58 21.66
N MSE A 340 13.82 1.50 20.98
CA MSE A 340 14.67 1.59 19.82
C MSE A 340 13.83 1.46 18.57
O MSE A 340 14.02 2.28 17.64
CB MSE A 340 15.68 0.45 19.85
CG MSE A 340 16.64 0.61 21.03
SE MSE A 340 17.79 2.19 20.71
CE MSE A 340 19.34 1.25 19.96
N LEU A 341 12.93 0.51 18.55
CA LEU A 341 12.04 0.35 17.43
C LEU A 341 10.77 -0.37 17.81
N VAL A 342 9.73 -0.13 17.03
CA VAL A 342 8.46 -0.78 17.23
C VAL A 342 7.83 -1.18 15.89
N HIS A 343 7.35 -2.40 15.82
CA HIS A 343 6.70 -2.97 14.67
C HIS A 343 5.24 -3.15 15.02
N SER A 344 4.30 -2.78 14.17
CA SER A 344 4.52 -2.11 12.86
C SER A 344 3.73 -0.78 12.84
N ARG A 345 4.11 0.17 11.98
CA ARG A 345 3.43 1.46 11.89
C ARG A 345 3.25 1.83 10.42
N LYS A 346 2.13 2.48 10.11
CA LYS A 346 1.81 3.00 8.78
C LYS A 346 2.54 4.32 8.53
N PRO A 347 2.67 4.73 7.27
CA PRO A 347 3.40 5.98 6.98
C PRO A 347 2.92 7.19 7.77
N GLN A 348 1.60 7.40 7.86
CA GLN A 348 1.12 8.56 8.60
C GLN A 348 1.45 8.42 10.10
N GLU A 349 1.37 7.20 10.63
CA GLU A 349 1.71 6.99 12.04
C GLU A 349 3.17 7.32 12.30
N MSE A 350 4.06 6.98 11.38
CA MSE A 350 5.52 7.29 11.58
C MSE A 350 5.75 8.78 11.70
O MSE A 350 6.45 9.26 12.59
CB MSE A 350 6.39 6.80 10.41
CG MSE A 350 6.19 5.37 10.15
SE MSE A 350 7.45 4.88 8.74
CE MSE A 350 7.29 3.03 9.09
N ILE A 351 5.13 9.54 10.81
CA ILE A 351 5.27 10.98 10.84
C ILE A 351 4.64 11.56 12.09
N ASP A 352 3.45 11.06 12.47
CA ASP A 352 2.77 11.53 13.66
C ASP A 352 3.61 11.30 14.92
N ILE A 353 4.13 10.08 15.09
CA ILE A 353 4.92 9.76 16.27
C ILE A 353 6.18 10.62 16.31
N TRP A 354 6.87 10.70 15.17
CA TRP A 354 8.13 11.46 15.12
C TRP A 354 7.89 12.92 15.49
N SER A 355 6.82 13.53 14.94
CA SER A 355 6.51 14.91 15.28
C SER A 355 6.23 15.06 16.77
N GLN A 356 5.47 14.14 17.36
CA GLN A 356 5.17 14.24 18.78
C GLN A 356 6.40 14.00 19.64
N LEU A 357 7.28 13.10 19.20
CA LEU A 357 8.50 12.84 19.97
C LEU A 357 9.36 14.09 20.10
N GLN A 358 9.35 14.95 19.08
CA GLN A 358 10.20 16.13 19.17
C GLN A 358 9.77 17.09 20.27
N SER A 359 8.55 16.95 20.83
CA SER A 359 8.10 17.82 21.92
C SER A 359 7.76 17.06 23.21
N ALA A 360 8.28 15.84 23.38
CA ALA A 360 7.94 14.99 24.51
C ALA A 360 8.35 15.57 25.85
N HIS A 361 7.40 16.17 26.57
CA HIS A 361 7.61 16.76 27.90
C HIS A 361 8.59 17.93 27.84
N SER B 19 -45.36 18.02 21.25
CA SER B 19 -44.37 18.41 20.25
C SER B 19 -43.56 17.21 19.75
N THR B 20 -43.52 17.01 18.43
CA THR B 20 -42.71 15.93 17.89
C THR B 20 -41.23 16.22 18.12
N PRO B 21 -40.44 15.21 18.49
CA PRO B 21 -39.00 15.42 18.72
C PRO B 21 -38.32 16.03 17.50
N PRO B 22 -37.40 16.97 17.69
CA PRO B 22 -36.60 17.45 16.55
C PRO B 22 -35.89 16.30 15.87
N GLU B 23 -35.78 16.41 14.55
CA GLU B 23 -34.90 15.53 13.81
C GLU B 23 -33.43 15.91 14.07
N ALA B 24 -32.54 15.07 13.56
CA ALA B 24 -31.10 15.27 13.65
C ALA B 24 -30.67 16.46 12.80
N TYR B 25 -29.41 16.87 12.97
CA TYR B 25 -28.91 18.06 12.31
C TYR B 25 -28.98 17.95 10.80
N TRP B 26 -28.48 16.85 10.22
CA TRP B 26 -28.49 16.75 8.76
C TRP B 26 -29.91 16.86 8.24
N ASN B 27 -30.83 16.12 8.85
CA ASN B 27 -32.23 16.14 8.45
C ASN B 27 -32.83 17.54 8.50
N ARG B 28 -32.50 18.31 9.55
CA ARG B 28 -33.10 19.65 9.70
C ARG B 28 -32.57 20.59 8.63
N GLU B 29 -31.26 20.50 8.32
CA GLU B 29 -30.69 21.29 7.25
C GLU B 29 -31.24 20.86 5.90
N GLN B 30 -31.42 19.55 5.69
CA GLN B 30 -32.01 19.11 4.42
C GLN B 30 -33.47 19.58 4.28
N GLU B 31 -34.23 19.59 5.39
CA GLU B 31 -35.58 20.11 5.34
C GLU B 31 -35.59 21.56 4.91
N LYS B 32 -34.64 22.35 5.43
CA LYS B 32 -34.53 23.74 5.01
C LYS B 32 -34.25 23.81 3.51
N LEU B 33 -33.29 23.02 3.04
CA LEU B 33 -32.99 22.98 1.62
C LEU B 33 -34.23 22.66 0.81
N ASN B 34 -34.98 21.63 1.24
CA ASN B 34 -36.16 21.21 0.50
C ASN B 34 -37.17 22.34 0.37
N ARG B 35 -37.32 23.12 1.44
CA ARG B 35 -38.29 24.22 1.42
C ARG B 35 -37.80 25.38 0.55
N GLN B 36 -36.49 25.58 0.47
CA GLN B 36 -35.94 26.59 -0.43
C GLN B 36 -36.17 26.22 -1.89
N TYR B 37 -36.00 24.95 -2.27
CA TYR B 37 -36.22 24.57 -3.65
C TYR B 37 -37.67 24.20 -3.96
N ASN B 38 -38.51 23.97 -2.96
CA ASN B 38 -39.90 23.56 -3.18
C ASN B 38 -40.82 24.34 -2.24
N SER B 58 -25.42 30.74 2.22
CA SER B 58 -25.23 29.80 1.12
C SER B 58 -24.88 28.42 1.67
N HIS B 59 -25.41 27.38 1.03
CA HIS B 59 -25.05 25.99 1.36
C HIS B 59 -24.03 25.41 0.40
N LEU B 60 -23.53 26.21 -0.56
CA LEU B 60 -22.62 25.72 -1.60
C LEU B 60 -21.24 26.38 -1.61
N ASN B 61 -21.11 27.65 -1.23
CA ASN B 61 -19.81 28.32 -1.31
C ASN B 61 -19.50 29.12 -0.04
N TYR B 62 -20.06 28.72 1.10
CA TYR B 62 -19.70 29.31 2.40
C TYR B 62 -18.56 28.47 2.98
N CYS B 63 -17.34 29.02 3.02
CA CYS B 63 -16.17 28.21 3.34
C CYS B 63 -15.45 28.66 4.60
N GLU B 64 -16.00 29.59 5.33
CA GLU B 64 -15.58 29.79 6.70
C GLU B 64 -16.18 28.70 7.58
N PRO B 65 -15.62 28.45 8.76
CA PRO B 65 -16.23 27.46 9.67
C PRO B 65 -17.62 27.94 10.05
N ASP B 66 -18.61 27.04 9.96
CA ASP B 66 -19.99 27.41 10.29
C ASP B 66 -20.16 27.16 11.77
N LEU B 67 -19.82 28.16 12.58
CA LEU B 67 -19.79 27.99 14.02
C LEU B 67 -21.19 27.75 14.61
N ARG B 68 -22.26 28.00 13.86
CA ARG B 68 -23.59 27.69 14.38
C ARG B 68 -23.73 26.22 14.76
N VAL B 69 -22.97 25.32 14.11
CA VAL B 69 -23.10 23.91 14.45
C VAL B 69 -22.74 23.66 15.90
N THR B 70 -21.83 24.46 16.48
CA THR B 70 -21.47 24.22 17.88
C THR B 70 -22.62 24.53 18.82
N SER B 71 -23.61 25.30 18.36
CA SER B 71 -24.79 25.63 19.17
C SER B 71 -25.95 24.68 18.94
N VAL B 72 -26.08 24.11 17.74
CA VAL B 72 -27.33 23.43 17.40
C VAL B 72 -27.16 21.93 17.28
N VAL B 73 -25.95 21.40 17.13
CA VAL B 73 -25.73 19.96 17.09
C VAL B 73 -25.54 19.50 18.52
N THR B 74 -26.50 18.72 19.03
CA THR B 74 -26.46 18.27 20.42
C THR B 74 -25.23 17.40 20.66
N GLY B 75 -24.45 17.76 21.67
CA GLY B 75 -23.26 16.99 21.96
C GLY B 75 -22.11 17.19 21.00
N PHE B 76 -22.11 18.29 20.22
CA PHE B 76 -21.04 18.58 19.26
C PHE B 76 -19.64 18.35 19.85
N ASN B 77 -19.41 18.85 21.07
CA ASN B 77 -18.06 18.85 21.64
C ASN B 77 -17.53 17.44 21.81
N ASN B 78 -18.42 16.47 22.00
CA ASN B 78 -18.07 15.06 22.22
C ASN B 78 -18.00 14.24 20.95
N LEU B 79 -18.29 14.84 19.79
CA LEU B 79 -18.18 14.07 18.54
C LEU B 79 -16.73 13.81 18.13
N PRO B 80 -16.45 12.70 17.44
CA PRO B 80 -15.11 12.54 16.86
C PRO B 80 -14.80 13.68 15.91
N ASP B 81 -13.50 13.94 15.75
CA ASP B 81 -13.03 15.05 14.92
C ASP B 81 -13.57 14.99 13.50
N ARG B 82 -13.64 13.81 12.88
CA ARG B 82 -14.14 13.77 11.50
C ARG B 82 -15.55 14.35 11.40
N PHE B 83 -16.39 14.14 12.43
CA PHE B 83 -17.74 14.73 12.40
C PHE B 83 -17.68 16.23 12.61
N LYS B 84 -16.79 16.70 13.50
CA LYS B 84 -16.68 18.14 13.70
C LYS B 84 -16.29 18.83 12.39
N ASP B 85 -15.29 18.29 11.69
CA ASP B 85 -14.89 18.86 10.40
C ASP B 85 -16.01 18.74 9.37
N PHE B 86 -16.71 17.58 9.33
CA PHE B 86 -17.78 17.42 8.37
C PHE B 86 -18.84 18.51 8.56
N LEU B 87 -19.19 18.77 9.82
CA LEU B 87 -20.26 19.72 10.12
C LEU B 87 -19.81 21.17 9.94
N LEU B 88 -18.58 21.49 10.35
CA LEU B 88 -18.13 22.87 10.25
C LEU B 88 -18.01 23.34 8.81
N TYR B 89 -17.71 22.42 7.85
CA TYR B 89 -17.45 22.82 6.46
C TYR B 89 -18.48 22.25 5.48
N LEU B 90 -19.65 21.85 5.98
CA LEU B 90 -20.70 21.24 5.16
C LEU B 90 -21.11 22.11 3.96
N ARG B 91 -21.09 23.43 4.12
CA ARG B 91 -21.65 24.33 3.13
C ARG B 91 -20.64 24.75 2.10
N CYS B 92 -19.47 24.09 2.04
CA CYS B 92 -18.43 24.46 1.08
C CYS B 92 -18.22 23.32 0.10
N ARG B 93 -18.48 23.57 -1.19
CA ARG B 93 -18.17 22.56 -2.17
C ARG B 93 -17.54 23.13 -3.44
N ASN B 94 -17.11 24.40 -3.46
CA ASN B 94 -16.55 25.01 -4.65
C ASN B 94 -15.02 24.94 -4.62
N TYR B 95 -14.49 23.72 -4.69
CA TYR B 95 -13.03 23.50 -4.66
C TYR B 95 -12.47 23.42 -6.08
N SER B 96 -11.26 23.95 -6.28
CA SER B 96 -10.71 24.08 -7.62
C SER B 96 -10.08 22.77 -8.10
N LEU B 97 -10.19 22.53 -9.39
CA LEU B 97 -9.45 21.48 -10.06
C LEU B 97 -8.01 21.93 -10.26
N LEU B 98 -7.06 21.27 -9.61
CA LEU B 98 -5.63 21.59 -9.77
C LEU B 98 -4.96 20.80 -10.86
N ILE B 99 -5.38 19.56 -11.08
CA ILE B 99 -4.86 18.77 -12.19
C ILE B 99 -6.08 18.32 -12.98
N ASP B 100 -6.17 18.75 -14.24
CA ASP B 100 -7.29 18.43 -15.13
C ASP B 100 -6.78 17.66 -16.34
N GLN B 101 -7.70 16.98 -17.04
CA GLN B 101 -7.41 16.33 -18.31
C GLN B 101 -8.50 16.81 -19.25
N PRO B 102 -8.41 18.06 -19.70
CA PRO B 102 -9.55 18.71 -20.38
C PRO B 102 -9.93 18.07 -21.71
N ASP B 103 -9.03 17.29 -22.31
CA ASP B 103 -9.28 16.64 -23.59
C ASP B 103 -9.59 15.17 -23.44
N LYS B 104 -9.82 14.71 -22.21
CA LYS B 104 -10.10 13.29 -21.97
C LYS B 104 -11.25 12.79 -22.85
N CYS B 105 -12.28 13.62 -23.05
CA CYS B 105 -13.45 13.17 -23.79
C CYS B 105 -13.56 13.86 -25.15
N ALA B 106 -12.41 14.24 -25.72
CA ALA B 106 -12.44 14.87 -27.03
C ALA B 106 -13.19 14.01 -28.05
N LYS B 107 -12.98 12.69 -27.99
CA LYS B 107 -13.81 11.75 -28.73
C LYS B 107 -14.89 11.27 -27.77
N LYS B 108 -16.15 11.45 -28.14
CA LYS B 108 -17.23 11.13 -27.22
C LYS B 108 -17.12 9.66 -26.79
N PRO B 109 -16.98 9.37 -25.51
CA PRO B 109 -16.77 7.98 -25.07
C PRO B 109 -18.06 7.19 -25.01
N PHE B 110 -17.91 5.87 -25.18
CA PHE B 110 -18.98 4.95 -24.83
C PHE B 110 -18.98 4.71 -23.32
N LEU B 111 -17.79 4.55 -22.71
CA LEU B 111 -17.70 4.25 -21.29
C LEU B 111 -16.58 5.09 -20.67
N LEU B 112 -16.92 5.82 -19.62
CA LEU B 112 -15.97 6.57 -18.80
C LEU B 112 -15.75 5.74 -17.53
N LEU B 113 -14.50 5.33 -17.28
CA LEU B 113 -14.12 4.66 -16.04
C LEU B 113 -13.56 5.73 -15.11
N ALA B 114 -14.19 5.88 -13.94
CA ALA B 114 -13.80 6.92 -12.98
C ALA B 114 -13.52 6.23 -11.64
N ILE B 115 -12.24 6.25 -11.23
CA ILE B 115 -11.78 5.38 -10.15
C ILE B 115 -11.28 6.24 -9.01
N LYS B 116 -11.90 6.10 -7.84
CA LYS B 116 -11.50 6.85 -6.64
C LYS B 116 -10.13 6.37 -6.19
N SER B 117 -9.23 7.32 -5.87
CA SER B 117 -7.91 6.89 -5.44
C SER B 117 -7.35 7.94 -4.47
N LEU B 118 -6.26 7.60 -3.78
CA LEU B 118 -5.55 8.49 -2.87
C LEU B 118 -4.12 8.65 -3.42
N THR B 119 -3.49 9.82 -3.19
CA THR B 119 -2.14 10.06 -3.72
C THR B 119 -1.19 8.85 -3.63
N PRO B 120 -1.01 8.19 -2.47
CA PRO B 120 0.04 7.15 -2.38
C PRO B 120 -0.23 5.87 -3.15
N HIS B 121 -1.43 5.70 -3.76
CA HIS B 121 -1.79 4.42 -4.36
C HIS B 121 -1.26 4.27 -5.80
N PHE B 122 0.03 4.51 -5.99
CA PHE B 122 0.63 4.41 -7.31
C PHE B 122 0.49 3.01 -7.89
N ALA B 123 0.77 1.97 -7.08
CA ALA B 123 0.73 0.61 -7.61
C ALA B 123 -0.69 0.20 -8.01
N ARG B 124 -1.70 0.56 -7.21
CA ARG B 124 -3.08 0.29 -7.61
C ARG B 124 -3.41 0.95 -8.94
N ARG B 125 -3.07 2.24 -9.07
CA ARG B 125 -3.41 2.94 -10.33
C ARG B 125 -2.70 2.33 -11.51
N GLN B 126 -1.42 2.01 -11.35
CA GLN B 126 -0.72 1.42 -12.49
C GLN B 126 -1.25 0.05 -12.84
N ALA B 127 -1.58 -0.81 -11.84
CA ALA B 127 -2.17 -2.11 -12.18
C ALA B 127 -3.49 -1.94 -12.93
N ILE B 128 -4.31 -0.97 -12.50
CA ILE B 128 -5.59 -0.73 -13.19
C ILE B 128 -5.34 -0.29 -14.64
N ARG B 129 -4.39 0.66 -14.85
CA ARG B 129 -4.05 1.06 -16.21
C ARG B 129 -3.69 -0.11 -17.09
N GLU B 130 -2.95 -1.06 -16.54
CA GLU B 130 -2.43 -2.13 -17.36
C GLU B 130 -3.43 -3.23 -17.58
N SER B 131 -4.48 -3.29 -16.77
CA SER B 131 -5.37 -4.44 -16.81
C SER B 131 -6.76 -3.94 -17.19
N TRP B 132 -7.67 -3.92 -16.25
CA TRP B 132 -9.08 -3.73 -16.63
C TRP B 132 -9.43 -2.29 -16.97
N GLY B 133 -8.59 -1.32 -16.60
CA GLY B 133 -8.81 0.09 -16.84
C GLY B 133 -8.13 0.65 -18.07
N GLN B 134 -7.57 -0.21 -18.92
CA GLN B 134 -6.90 0.22 -20.15
C GLN B 134 -7.89 1.01 -21.00
N GLU B 135 -7.40 2.06 -21.63
CA GLU B 135 -8.23 2.76 -22.58
C GLU B 135 -8.29 1.95 -23.88
N SER B 136 -9.41 2.05 -24.58
CA SER B 136 -9.59 1.17 -25.73
C SER B 136 -10.63 1.76 -26.65
N ASN B 137 -10.78 1.10 -27.81
CA ASN B 137 -11.71 1.62 -28.82
C ASN B 137 -12.26 0.52 -29.69
N ALA B 138 -12.39 -0.69 -29.16
CA ALA B 138 -12.98 -1.77 -29.95
C ALA B 138 -14.35 -1.38 -30.43
N GLY B 139 -14.63 -1.68 -31.71
CA GLY B 139 -15.91 -1.34 -32.32
C GLY B 139 -16.24 0.14 -32.31
N ASN B 140 -15.23 1.01 -32.22
CA ASN B 140 -15.41 2.45 -32.13
C ASN B 140 -16.26 2.85 -30.93
N GLN B 141 -16.23 2.05 -29.89
CA GLN B 141 -16.86 2.39 -28.60
C GLN B 141 -15.71 2.71 -27.66
N THR B 142 -15.46 4.00 -27.51
CA THR B 142 -14.27 4.43 -26.81
C THR B 142 -14.42 4.24 -25.32
N VAL B 143 -13.36 3.72 -24.67
CA VAL B 143 -13.30 3.58 -23.21
C VAL B 143 -12.17 4.50 -22.75
N VAL B 144 -12.49 5.41 -21.82
CA VAL B 144 -11.50 6.36 -21.31
C VAL B 144 -11.51 6.28 -19.80
N ARG B 145 -10.35 6.67 -19.18
CA ARG B 145 -10.13 6.46 -17.76
C ARG B 145 -9.68 7.73 -17.04
N VAL B 146 -10.23 7.98 -15.86
CA VAL B 146 -9.72 9.02 -14.96
C VAL B 146 -9.66 8.47 -13.55
N PHE B 147 -8.65 8.87 -12.81
CA PHE B 147 -8.58 8.64 -11.37
C PHE B 147 -8.95 9.93 -10.65
N LEU B 148 -9.67 9.80 -9.51
CA LEU B 148 -10.30 10.93 -8.82
C LEU B 148 -9.56 11.10 -7.49
N LEU B 149 -8.86 12.23 -7.34
CA LEU B 149 -8.04 12.45 -6.14
C LEU B 149 -8.36 13.82 -5.55
N GLY B 150 -8.24 13.93 -4.21
CA GLY B 150 -8.04 15.22 -3.53
C GLY B 150 -6.59 15.36 -3.08
N GLN B 151 -6.39 16.23 -2.11
CA GLN B 151 -5.08 16.46 -1.50
CA GLN B 151 -5.06 16.38 -1.56
C GLN B 151 -4.86 15.50 -0.34
N THR B 152 -3.60 15.10 -0.12
CA THR B 152 -3.21 14.36 1.10
C THR B 152 -2.20 15.26 1.81
N PRO B 153 -2.65 16.19 2.64
CA PRO B 153 -1.80 17.29 3.05
C PRO B 153 -0.89 16.89 4.19
N PRO B 154 0.20 17.63 4.37
CA PRO B 154 1.14 17.35 5.47
C PRO B 154 0.50 17.49 6.84
N GLU B 155 -0.53 18.36 6.97
CA GLU B 155 -1.21 18.52 8.27
C GLU B 155 -1.88 17.23 8.74
N ASP B 156 -2.20 16.33 7.83
CA ASP B 156 -2.79 15.03 8.19
C ASP B 156 -1.70 13.94 8.32
N ASN B 157 -0.46 14.38 8.42
CA ASN B 157 0.71 13.51 8.57
C ASN B 157 0.98 12.65 7.34
N HIS B 158 0.53 13.06 6.16
CA HIS B 158 0.79 12.33 4.91
C HIS B 158 2.21 12.61 4.42
N PRO B 159 2.96 11.60 4.00
CA PRO B 159 4.23 11.89 3.34
C PRO B 159 3.99 12.65 2.04
N ASP B 160 4.95 13.52 1.70
CA ASP B 160 4.81 14.37 0.52
C ASP B 160 5.16 13.58 -0.75
N LEU B 161 4.14 13.23 -1.52
CA LEU B 161 4.30 12.54 -2.79
C LEU B 161 3.80 13.41 -3.94
N SER B 162 3.73 14.74 -3.74
CA SER B 162 2.98 15.57 -4.69
C SER B 162 3.73 15.72 -6.02
N ASP B 163 5.06 15.80 -6.00
CA ASP B 163 5.82 15.92 -7.24
C ASP B 163 5.70 14.65 -8.08
N MSE B 164 5.67 13.51 -7.40
CA MSE B 164 5.56 12.23 -8.05
C MSE B 164 4.22 12.20 -8.73
O MSE B 164 4.16 11.91 -9.95
CB MSE B 164 5.61 11.11 -7.02
CG MSE B 164 5.96 9.78 -7.66
SE MSE B 164 7.91 9.48 -7.54
CE MSE B 164 7.87 7.92 -6.34
N LEU B 165 3.15 12.51 -8.01
CA LEU B 165 1.83 12.53 -8.60
C LEU B 165 1.81 13.41 -9.85
N LYS B 166 2.46 14.59 -9.80
CA LYS B 166 2.42 15.48 -10.96
C LYS B 166 3.13 14.83 -12.15
N PHE B 167 4.23 14.15 -11.89
CA PHE B 167 4.91 13.37 -12.93
C PHE B 167 4.03 12.25 -13.49
N GLU B 168 3.34 11.51 -12.60
CA GLU B 168 2.42 10.46 -13.03
C GLU B 168 1.36 11.04 -13.94
N SER B 169 0.80 12.20 -13.56
CA SER B 169 -0.20 12.84 -14.40
C SER B 169 0.36 13.20 -15.77
N GLU B 170 1.59 13.69 -15.81
CA GLU B 170 2.18 14.05 -17.10
C GLU B 170 2.43 12.81 -17.94
N LYS B 171 2.82 11.71 -17.31
CA LYS B 171 3.09 10.51 -18.07
C LYS B 171 1.81 9.84 -18.58
N HIS B 172 0.77 9.80 -17.74
CA HIS B 172 -0.39 8.95 -18.02
C HIS B 172 -1.65 9.71 -18.36
N GLN B 173 -1.67 11.01 -18.07
CA GLN B 173 -2.77 11.89 -18.51
C GLN B 173 -4.14 11.38 -18.07
N ASP B 174 -4.24 10.90 -16.83
CA ASP B 174 -5.47 10.29 -16.37
C ASP B 174 -5.76 10.62 -14.92
N ILE B 175 -5.16 11.70 -14.40
CA ILE B 175 -5.38 12.11 -13.00
C ILE B 175 -6.24 13.35 -12.99
N LEU B 176 -7.32 13.33 -12.19
CA LEU B 176 -8.07 14.53 -11.86
C LEU B 176 -7.85 14.80 -10.37
N MSE B 177 -7.34 15.98 -10.05
CA MSE B 177 -7.06 16.31 -8.67
C MSE B 177 -7.62 17.64 -8.27
O MSE B 177 -7.39 18.66 -8.94
CB MSE B 177 -5.55 16.35 -8.46
CG MSE B 177 -5.17 15.90 -7.05
SE MSE B 177 -4.86 17.49 -5.93
CE MSE B 177 -3.18 18.09 -6.76
N TRP B 178 -8.38 17.63 -7.17
CA TRP B 178 -9.00 18.83 -6.65
C TRP B 178 -8.40 19.26 -5.32
N ASN B 179 -8.47 20.56 -5.05
CA ASN B 179 -7.85 21.15 -3.86
C ASN B 179 -8.72 21.03 -2.60
N TYR B 180 -9.06 19.81 -2.21
CA TYR B 180 -9.74 19.59 -0.93
C TYR B 180 -9.07 18.42 -0.22
N ARG B 181 -9.25 18.37 1.10
CA ARG B 181 -8.64 17.32 1.93
C ARG B 181 -9.32 15.97 1.67
N ASP B 182 -8.58 14.99 1.10
CA ASP B 182 -9.12 13.71 0.70
C ASP B 182 -9.24 12.80 1.92
N THR B 183 -10.47 12.54 2.36
CA THR B 183 -10.75 11.76 3.56
C THR B 183 -12.00 10.93 3.29
N PHE B 184 -12.27 9.94 4.15
CA PHE B 184 -13.49 9.18 3.93
C PHE B 184 -14.74 10.06 3.97
N PHE B 185 -14.80 10.98 4.95
CA PHE B 185 -16.01 11.77 5.09
C PHE B 185 -16.11 12.87 4.03
N ASN B 186 -15.07 13.10 3.22
CA ASN B 186 -15.19 13.99 2.08
C ASN B 186 -15.43 13.24 0.77
N LEU B 187 -15.70 11.93 0.81
CA LEU B 187 -15.93 11.25 -0.45
C LEU B 187 -17.22 11.72 -1.14
N SER B 188 -18.23 12.22 -0.41
CA SER B 188 -19.38 12.70 -1.17
C SER B 188 -19.03 13.99 -1.90
N LEU B 189 -18.09 14.74 -1.37
CA LEU B 189 -17.50 15.84 -2.11
C LEU B 189 -16.75 15.37 -3.34
N LYS B 190 -15.96 14.28 -3.22
CA LYS B 190 -15.32 13.69 -4.39
C LYS B 190 -16.36 13.32 -5.46
N GLU B 191 -17.50 12.76 -5.04
CA GLU B 191 -18.61 12.44 -5.96
C GLU B 191 -19.15 13.71 -6.64
N VAL B 192 -19.46 14.77 -5.88
CA VAL B 192 -20.07 15.96 -6.48
C VAL B 192 -19.11 16.65 -7.43
N LEU B 193 -17.84 16.75 -7.02
CA LEU B 193 -16.85 17.38 -7.92
C LEU B 193 -16.62 16.56 -9.20
N PHE B 194 -16.67 15.23 -9.10
CA PHE B 194 -16.58 14.39 -10.30
C PHE B 194 -17.80 14.63 -11.18
N LEU B 195 -19.00 14.62 -10.60
CA LEU B 195 -20.18 14.82 -11.44
C LEU B 195 -20.14 16.20 -12.11
N ARG B 196 -19.60 17.19 -11.42
CA ARG B 196 -19.44 18.50 -12.03
CA ARG B 196 -19.43 18.52 -12.01
C ARG B 196 -18.48 18.45 -13.20
N TRP B 197 -17.38 17.68 -13.07
CA TRP B 197 -16.46 17.52 -14.18
C TRP B 197 -17.14 16.81 -15.35
N VAL B 198 -17.97 15.79 -15.08
CA VAL B 198 -18.69 15.15 -16.19
C VAL B 198 -19.53 16.19 -16.93
N SER B 199 -20.22 17.05 -16.17
CA SER B 199 -21.11 18.05 -16.80
C SER B 199 -20.31 19.07 -17.62
N THR B 200 -19.13 19.48 -17.13
CA THR B 200 -18.34 20.51 -17.82
C THR B 200 -17.47 19.92 -18.92
N SER B 201 -16.96 18.70 -18.74
CA SER B 201 -15.90 18.21 -19.57
C SER B 201 -16.17 16.86 -20.24
N CYS B 202 -17.23 16.15 -19.85
CA CYS B 202 -17.49 14.88 -20.52
C CYS B 202 -18.98 14.63 -20.61
N PRO B 203 -19.77 15.61 -21.04
CA PRO B 203 -21.24 15.47 -20.85
C PRO B 203 -21.85 14.43 -21.78
N ASP B 204 -21.13 13.95 -22.78
CA ASP B 204 -21.75 13.10 -23.79
C ASP B 204 -21.29 11.65 -23.69
N THR B 205 -20.58 11.26 -22.63
CA THR B 205 -20.26 9.85 -22.47
C THR B 205 -21.54 9.03 -22.36
N GLU B 206 -21.58 7.86 -23.04
CA GLU B 206 -22.80 7.06 -23.01
C GLU B 206 -23.03 6.47 -21.62
N PHE B 207 -21.96 5.99 -20.97
CA PHE B 207 -22.06 5.31 -19.67
C PHE B 207 -20.90 5.70 -18.78
N VAL B 208 -21.10 5.52 -17.48
CA VAL B 208 -20.07 5.79 -16.49
C VAL B 208 -19.97 4.60 -15.59
N PHE B 209 -18.73 4.18 -15.30
CA PHE B 209 -18.49 3.24 -14.21
C PHE B 209 -17.72 4.01 -13.15
N LYS B 210 -18.23 4.09 -11.92
CA LYS B 210 -17.47 4.73 -10.85
C LYS B 210 -17.09 3.66 -9.86
N GLY B 211 -15.81 3.53 -9.55
CA GLY B 211 -15.49 2.44 -8.66
C GLY B 211 -14.23 2.75 -7.88
N ASP B 212 -13.87 1.82 -7.04
CA ASP B 212 -12.74 1.95 -6.10
C ASP B 212 -11.49 1.39 -6.75
N ASP B 213 -10.33 1.77 -6.16
CA ASP B 213 -9.07 1.30 -6.76
C ASP B 213 -8.55 0.00 -6.16
N ASP B 214 -9.38 -0.72 -5.41
CA ASP B 214 -9.05 -2.04 -4.89
C ASP B 214 -10.02 -3.11 -5.40
N VAL B 215 -10.74 -2.86 -6.50
CA VAL B 215 -11.64 -3.88 -7.06
C VAL B 215 -11.07 -4.39 -8.39
N PHE B 216 -11.39 -5.64 -8.71
CA PHE B 216 -11.20 -6.13 -10.07
C PHE B 216 -12.50 -5.96 -10.83
N VAL B 217 -12.41 -5.43 -12.04
CA VAL B 217 -13.60 -5.19 -12.88
C VAL B 217 -13.44 -6.00 -14.15
N ASN B 218 -14.48 -6.79 -14.50
CA ASN B 218 -14.44 -7.46 -15.78
C ASN B 218 -15.03 -6.50 -16.80
N THR B 219 -14.16 -5.66 -17.37
CA THR B 219 -14.63 -4.60 -18.25
C THR B 219 -15.22 -5.18 -19.54
N HIS B 220 -14.70 -6.31 -20.01
CA HIS B 220 -15.31 -6.94 -21.17
C HIS B 220 -16.76 -7.34 -20.91
N HIS B 221 -17.04 -7.88 -19.72
CA HIS B 221 -18.42 -8.24 -19.36
C HIS B 221 -19.28 -6.98 -19.24
N ILE B 222 -18.71 -5.92 -18.65
CA ILE B 222 -19.46 -4.66 -18.59
C ILE B 222 -19.82 -4.18 -19.98
N LEU B 223 -18.87 -4.21 -20.91
CA LEU B 223 -19.17 -3.73 -22.26
C LEU B 223 -20.23 -4.57 -22.92
N ASN B 224 -20.17 -5.91 -22.75
CA ASN B 224 -21.24 -6.75 -23.33
C ASN B 224 -22.59 -6.43 -22.68
N TYR B 225 -22.61 -6.24 -21.36
CA TYR B 225 -23.88 -5.88 -20.71
C TYR B 225 -24.43 -4.57 -21.25
N LEU B 226 -23.59 -3.55 -21.39
CA LEU B 226 -24.07 -2.26 -21.90
C LEU B 226 -24.62 -2.39 -23.33
N ASN B 227 -23.98 -3.21 -24.16
CA ASN B 227 -24.42 -3.45 -25.53
C ASN B 227 -25.63 -4.33 -25.63
N SER B 228 -26.11 -4.90 -24.50
CA SER B 228 -27.36 -5.69 -24.49
C SER B 228 -28.60 -4.86 -24.19
N LEU B 229 -28.44 -3.58 -23.81
CA LEU B 229 -29.53 -2.77 -23.25
C LEU B 229 -30.41 -2.19 -24.34
N SER B 230 -31.71 -2.10 -24.06
CA SER B 230 -32.56 -1.32 -24.93
C SER B 230 -32.22 0.17 -24.81
N LYS B 231 -32.66 0.95 -25.78
CA LYS B 231 -32.47 2.40 -25.72
C LYS B 231 -33.11 2.98 -24.46
N THR B 232 -34.24 2.42 -24.04
CA THR B 232 -34.96 2.97 -22.89
C THR B 232 -34.32 2.56 -21.56
N LYS B 233 -33.97 1.28 -21.41
CA LYS B 233 -33.31 0.87 -20.17
C LYS B 233 -31.99 1.61 -20.01
N ALA B 234 -31.41 2.04 -21.14
CA ALA B 234 -30.11 2.71 -21.11
C ALA B 234 -30.22 4.13 -20.59
N LYS B 235 -31.28 4.88 -20.94
CA LYS B 235 -31.33 6.30 -20.57
C LYS B 235 -31.21 6.50 -19.06
N ASP B 236 -31.74 5.57 -18.23
CA ASP B 236 -31.67 5.79 -16.78
C ASP B 236 -31.05 4.61 -16.04
N LEU B 237 -30.14 3.90 -16.70
CA LEU B 237 -29.42 2.79 -16.07
C LEU B 237 -28.73 3.21 -14.80
N PHE B 238 -28.97 2.46 -13.72
CA PHE B 238 -28.11 2.60 -12.55
C PHE B 238 -28.14 1.27 -11.81
N ILE B 239 -27.02 0.51 -11.85
CA ILE B 239 -27.00 -0.83 -11.26
C ILE B 239 -25.74 -0.97 -10.42
N GLY B 240 -25.85 -1.86 -9.44
CA GLY B 240 -24.68 -2.25 -8.62
C GLY B 240 -25.15 -3.23 -7.57
N ASP B 241 -24.41 -3.30 -6.46
CA ASP B 241 -24.85 -4.12 -5.32
C ASP B 241 -25.72 -3.25 -4.42
N VAL B 242 -27.02 -3.28 -4.69
CA VAL B 242 -27.97 -2.34 -4.07
C VAL B 242 -28.54 -2.97 -2.83
N ILE B 243 -28.54 -2.20 -1.74
CA ILE B 243 -29.16 -2.64 -0.50
C ILE B 243 -30.39 -1.79 -0.24
N HIS B 244 -31.49 -2.47 0.11
CA HIS B 244 -32.72 -1.82 0.54
C HIS B 244 -32.86 -1.93 2.06
N ASN B 245 -33.59 -0.98 2.64
CA ASN B 245 -34.01 -1.08 4.05
C ASN B 245 -32.81 -0.97 4.99
N ALA B 246 -31.74 -0.32 4.55
CA ALA B 246 -30.60 -0.07 5.43
C ALA B 246 -30.83 1.20 6.25
N GLY B 247 -30.06 1.30 7.34
CA GLY B 247 -30.05 2.48 8.17
C GLY B 247 -28.67 2.76 8.70
N PRO B 248 -28.48 3.94 9.29
CA PRO B 248 -27.15 4.30 9.82
C PRO B 248 -26.65 3.34 10.91
N HIS B 249 -25.36 2.99 10.85
CA HIS B 249 -24.76 2.20 11.92
C HIS B 249 -24.61 3.06 13.17
N ARG B 250 -25.06 2.57 14.32
CA ARG B 250 -25.02 3.34 15.54
C ARG B 250 -23.92 2.90 16.50
N ASP B 251 -23.12 1.89 16.13
CA ASP B 251 -22.07 1.39 17.01
C ASP B 251 -20.82 2.26 16.84
N LYS B 252 -20.40 2.95 17.91
CA LYS B 252 -19.32 3.93 17.84
C LYS B 252 -17.99 3.34 17.35
N LYS B 253 -17.81 2.03 17.42
CA LYS B 253 -16.54 1.45 16.99
C LYS B 253 -16.48 1.15 15.50
N LEU B 254 -17.59 1.28 14.76
CA LEU B 254 -17.64 0.87 13.37
C LEU B 254 -17.21 1.97 12.40
N LYS B 255 -16.67 1.54 11.26
CA LYS B 255 -16.13 2.48 10.28
C LYS B 255 -17.21 3.46 9.82
N TYR B 256 -18.42 2.96 9.57
CA TYR B 256 -19.50 3.80 9.06
C TYR B 256 -20.50 4.23 10.17
N TYR B 257 -20.03 4.31 11.40
CA TYR B 257 -20.81 4.89 12.49
C TYR B 257 -21.31 6.29 12.14
N ILE B 258 -22.60 6.55 12.42
CA ILE B 258 -23.18 7.88 12.28
C ILE B 258 -23.99 8.13 13.55
N PRO B 259 -23.67 9.15 14.34
CA PRO B 259 -24.46 9.45 15.55
C PRO B 259 -25.90 9.81 15.22
N GLU B 260 -26.79 9.51 16.17
CA GLU B 260 -28.19 9.85 16.02
C GLU B 260 -28.38 11.38 15.97
N VAL B 261 -27.51 12.14 16.64
CA VAL B 261 -27.64 13.59 16.56
C VAL B 261 -27.25 14.16 15.21
N VAL B 262 -26.58 13.37 14.38
CA VAL B 262 -26.18 13.82 13.04
C VAL B 262 -27.22 13.43 12.00
N TYR B 263 -27.66 12.16 12.00
CA TYR B 263 -28.66 11.74 11.00
C TYR B 263 -29.69 10.86 11.65
N SER B 264 -30.97 11.14 11.42
CA SER B 264 -32.03 10.36 12.04
C SER B 264 -32.77 9.64 10.91
N GLY B 265 -33.36 8.48 11.23
CA GLY B 265 -34.12 7.78 10.20
C GLY B 265 -33.26 6.81 9.38
N LEU B 266 -33.77 6.46 8.21
CA LEU B 266 -33.25 5.34 7.43
C LEU B 266 -32.56 5.77 6.14
N TYR B 267 -31.86 4.80 5.49
CA TYR B 267 -31.21 5.12 4.23
C TYR B 267 -32.12 4.75 3.06
N PRO B 268 -32.07 5.52 1.99
CA PRO B 268 -32.72 5.10 0.75
C PRO B 268 -31.99 3.92 0.13
N PRO B 269 -32.56 3.26 -0.86
CA PRO B 269 -31.79 2.19 -1.54
C PRO B 269 -30.54 2.78 -2.16
N TYR B 270 -29.42 2.07 -2.03
CA TYR B 270 -28.21 2.60 -2.64
C TYR B 270 -27.28 1.47 -2.99
N ALA B 271 -26.47 1.72 -4.02
CA ALA B 271 -25.43 0.80 -4.49
C ALA B 271 -24.15 1.12 -3.76
N GLY B 272 -23.53 0.11 -3.15
CA GLY B 272 -22.29 0.34 -2.43
C GLY B 272 -21.29 -0.76 -2.72
N GLY B 273 -20.21 -0.76 -1.97
CA GLY B 273 -19.34 -1.92 -1.95
C GLY B 273 -18.20 -1.94 -2.94
N GLY B 274 -18.04 -0.94 -3.80
CA GLY B 274 -16.84 -1.01 -4.65
C GLY B 274 -16.99 -0.43 -6.06
N GLY B 275 -18.22 -0.41 -6.60
CA GLY B 275 -18.41 0.25 -7.88
C GLY B 275 -19.85 0.12 -8.34
N PHE B 276 -20.22 1.01 -9.25
CA PHE B 276 -21.57 0.93 -9.82
C PHE B 276 -21.53 1.54 -11.21
N LEU B 277 -22.60 1.25 -11.97
CA LEU B 277 -22.57 1.49 -13.40
C LEU B 277 -23.84 2.24 -13.81
N TYR B 278 -23.69 3.33 -14.56
CA TYR B 278 -24.87 4.14 -14.85
C TYR B 278 -24.74 4.89 -16.17
N SER B 279 -25.85 5.45 -16.67
CA SER B 279 -25.77 6.13 -17.93
C SER B 279 -25.21 7.56 -17.74
N GLY B 280 -24.53 8.03 -18.79
CA GLY B 280 -24.06 9.42 -18.81
C GLY B 280 -25.21 10.43 -18.74
N HIS B 281 -26.33 10.08 -19.36
CA HIS B 281 -27.51 10.95 -19.28
C HIS B 281 -27.94 11.10 -17.82
N LEU B 282 -28.00 9.99 -17.09
CA LEU B 282 -28.35 10.06 -15.68
C LEU B 282 -27.28 10.79 -14.85
N ALA B 283 -26.01 10.63 -15.22
CA ALA B 283 -24.95 11.41 -14.59
C ALA B 283 -25.24 12.91 -14.61
N LEU B 284 -25.76 13.42 -15.75
CA LEU B 284 -26.06 14.85 -15.81
C LEU B 284 -27.22 15.18 -14.90
N ARG B 285 -28.26 14.31 -14.87
CA ARG B 285 -29.39 14.57 -13.96
C ARG B 285 -28.94 14.54 -12.50
N LEU B 286 -28.03 13.60 -12.15
CA LEU B 286 -27.50 13.57 -10.80
C LEU B 286 -26.72 14.83 -10.49
N TYR B 287 -25.85 15.28 -11.41
CA TYR B 287 -25.11 16.52 -11.12
C TYR B 287 -26.07 17.66 -10.84
N HIS B 288 -27.10 17.82 -11.69
CA HIS B 288 -28.01 18.92 -11.45
C HIS B 288 -28.66 18.85 -10.07
N ILE B 289 -29.00 17.64 -9.61
CA ILE B 289 -29.75 17.55 -8.34
C ILE B 289 -28.83 17.66 -7.13
N THR B 290 -27.50 17.57 -7.30
CA THR B 290 -26.61 17.62 -6.12
C THR B 290 -26.74 18.94 -5.35
N ASP B 291 -27.03 20.06 -6.04
CA ASP B 291 -27.23 21.30 -5.30
C ASP B 291 -28.37 21.22 -4.30
N GLN B 292 -29.29 20.30 -4.51
CA GLN B 292 -30.48 20.17 -3.69
C GLN B 292 -30.33 19.15 -2.57
N VAL B 293 -29.16 18.51 -2.44
CA VAL B 293 -28.94 17.52 -1.40
C VAL B 293 -27.66 17.90 -0.63
N HIS B 294 -27.78 18.08 0.69
CA HIS B 294 -26.59 18.32 1.50
C HIS B 294 -25.64 17.13 1.42
N LEU B 295 -24.36 17.45 1.43
CA LEU B 295 -23.35 16.39 1.46
C LEU B 295 -23.58 15.47 2.66
N TYR B 296 -23.00 14.24 2.59
CA TYR B 296 -23.31 13.20 3.62
C TYR B 296 -22.01 12.44 3.86
N PRO B 297 -21.71 12.01 5.10
CA PRO B 297 -20.38 11.46 5.38
C PRO B 297 -20.08 10.18 4.63
N ILE B 298 -21.09 9.50 4.09
CA ILE B 298 -20.90 8.23 3.35
C ILE B 298 -21.30 8.46 1.90
N ASP B 299 -20.30 8.43 1.02
CA ASP B 299 -20.44 8.71 -0.40
C ASP B 299 -21.48 7.94 -1.20
N ASP B 300 -21.66 6.67 -0.89
CA ASP B 300 -22.63 5.88 -1.66
C ASP B 300 -24.05 6.12 -1.16
N VAL B 301 -24.19 6.48 0.12
CA VAL B 301 -25.51 6.85 0.62
C VAL B 301 -25.95 8.17 0.00
N TYR B 302 -25.02 9.12 -0.13
CA TYR B 302 -25.31 10.41 -0.79
C TYR B 302 -25.82 10.20 -2.21
N THR B 303 -25.16 9.33 -2.96
CA THR B 303 -25.61 9.06 -4.32
C THR B 303 -27.01 8.47 -4.29
N GLY B 304 -27.28 7.59 -3.31
CA GLY B 304 -28.62 7.05 -3.15
C GLY B 304 -29.66 8.11 -2.84
N MSE B 305 -29.27 9.11 -2.06
CA MSE B 305 -30.17 10.20 -1.74
C MSE B 305 -30.53 10.97 -2.99
O MSE B 305 -31.72 11.31 -3.17
CB MSE B 305 -29.49 11.14 -0.75
CG MSE B 305 -29.32 10.48 0.61
SE MSE B 305 -29.23 11.87 2.01
CE MSE B 305 -27.46 12.60 1.55
N CYS B 306 -29.55 11.23 -3.85
CA CYS B 306 -29.76 11.97 -5.10
C CYS B 306 -30.66 11.17 -6.05
N LEU B 307 -30.42 9.87 -6.20
CA LEU B 307 -31.32 9.08 -7.04
C LEU B 307 -32.76 9.13 -6.51
N GLN B 308 -32.93 9.03 -5.18
CA GLN B 308 -34.28 9.10 -4.62
C GLN B 308 -34.94 10.44 -4.94
N LYS B 309 -34.18 11.52 -4.90
CA LYS B 309 -34.76 12.83 -5.20
C LYS B 309 -35.18 12.93 -6.67
N LEU B 310 -34.49 12.22 -7.59
CA LEU B 310 -34.90 12.11 -8.99
C LEU B 310 -36.08 11.17 -9.22
N GLY B 311 -36.53 10.46 -8.20
CA GLY B 311 -37.61 9.49 -8.34
C GLY B 311 -37.17 8.13 -8.85
N LEU B 312 -35.88 7.81 -8.77
CA LEU B 312 -35.36 6.56 -9.31
C LEU B 312 -34.95 5.62 -8.19
N VAL B 313 -34.96 4.33 -8.49
CA VAL B 313 -34.49 3.32 -7.57
C VAL B 313 -33.38 2.55 -8.29
N PRO B 314 -32.15 2.56 -7.77
CA PRO B 314 -31.10 1.76 -8.40
C PRO B 314 -31.40 0.27 -8.27
N GLU B 315 -30.91 -0.50 -9.25
CA GLU B 315 -31.27 -1.90 -9.36
C GLU B 315 -30.08 -2.81 -9.05
N LYS B 316 -30.38 -3.87 -8.32
CA LYS B 316 -29.34 -4.82 -7.95
C LYS B 316 -28.95 -5.67 -9.15
N HIS B 317 -27.64 -5.85 -9.36
CA HIS B 317 -27.14 -6.80 -10.34
C HIS B 317 -26.21 -7.77 -9.61
N LYS B 318 -26.49 -9.08 -9.72
CA LYS B 318 -25.74 -10.07 -8.93
C LYS B 318 -24.28 -10.21 -9.35
N GLY B 319 -23.89 -9.67 -10.49
CA GLY B 319 -22.46 -9.72 -10.87
C GLY B 319 -21.56 -8.77 -10.10
N PHE B 320 -22.11 -7.90 -9.24
CA PHE B 320 -21.29 -6.99 -8.42
C PHE B 320 -21.03 -7.72 -7.13
N ARG B 321 -19.87 -8.40 -7.05
CA ARG B 321 -19.55 -9.29 -5.93
C ARG B 321 -18.72 -8.51 -4.91
N THR B 322 -19.42 -7.65 -4.19
CA THR B 322 -18.71 -6.76 -3.25
C THR B 322 -18.29 -7.46 -1.95
N PHE B 323 -18.74 -8.69 -1.68
CA PHE B 323 -18.22 -9.45 -0.56
C PHE B 323 -17.38 -10.63 -1.03
N ASP B 324 -16.82 -10.50 -2.24
CA ASP B 324 -15.91 -11.48 -2.84
C ASP B 324 -16.70 -12.69 -3.31
N ILE B 325 -15.97 -13.67 -3.83
CA ILE B 325 -16.53 -14.93 -4.26
C ILE B 325 -16.04 -16.01 -3.31
N GLU B 326 -16.66 -17.18 -3.40
CA GLU B 326 -16.33 -18.30 -2.53
C GLU B 326 -14.85 -18.68 -2.65
N GLU B 327 -14.26 -19.06 -1.51
CA GLU B 327 -12.84 -19.38 -1.47
C GLU B 327 -12.47 -20.46 -2.49
N LYS B 328 -13.32 -21.49 -2.63
CA LYS B 328 -13.04 -22.63 -3.49
C LYS B 328 -13.00 -22.25 -4.97
N ASN B 329 -13.57 -21.11 -5.35
CA ASN B 329 -13.63 -20.64 -6.73
C ASN B 329 -12.59 -19.58 -7.05
N LYS B 330 -11.84 -19.08 -6.08
CA LYS B 330 -11.02 -17.89 -6.29
C LYS B 330 -9.90 -18.13 -7.28
N ASN B 331 -9.45 -19.37 -7.42
CA ASN B 331 -8.38 -19.74 -8.33
C ASN B 331 -8.89 -20.38 -9.63
N ASN B 332 -10.18 -20.25 -9.94
CA ASN B 332 -10.72 -20.73 -11.21
C ASN B 332 -11.10 -19.50 -12.03
N ILE B 333 -10.38 -19.28 -13.12
CA ILE B 333 -10.61 -18.07 -13.91
C ILE B 333 -12.03 -18.02 -14.44
N CYS B 334 -12.66 -19.19 -14.60
CA CYS B 334 -14.04 -19.19 -15.08
C CYS B 334 -14.99 -18.48 -14.12
N SER B 335 -14.67 -18.40 -12.82
CA SER B 335 -15.45 -17.63 -11.86
C SER B 335 -15.49 -16.14 -12.17
N TYR B 336 -14.50 -15.62 -12.86
CA TYR B 336 -14.45 -14.20 -13.13
C TYR B 336 -15.11 -13.84 -14.45
N VAL B 337 -15.36 -14.82 -15.30
CA VAL B 337 -15.94 -14.56 -16.61
C VAL B 337 -17.34 -13.98 -16.47
N ASP B 338 -18.15 -14.51 -15.57
CA ASP B 338 -19.53 -14.07 -15.52
C ASP B 338 -19.81 -13.07 -14.41
N LEU B 339 -18.79 -12.38 -13.89
CA LEU B 339 -19.09 -11.33 -12.94
C LEU B 339 -18.74 -9.97 -13.52
N MSE B 340 -19.20 -8.93 -12.81
CA MSE B 340 -18.98 -7.56 -13.22
C MSE B 340 -17.81 -7.03 -12.45
O MSE B 340 -16.89 -6.43 -13.04
CB MSE B 340 -20.21 -6.73 -12.90
CG MSE B 340 -21.34 -7.01 -13.90
SE MSE B 340 -22.32 -5.35 -14.29
CE MSE B 340 -22.42 -5.57 -16.25
N LEU B 341 -17.80 -7.25 -11.13
CA LEU B 341 -16.69 -6.79 -10.32
C LEU B 341 -16.57 -7.63 -9.07
N VAL B 342 -15.36 -7.63 -8.50
CA VAL B 342 -15.15 -8.34 -7.26
CA VAL B 342 -15.19 -8.42 -7.22
C VAL B 342 -14.27 -7.50 -6.36
N HIS B 343 -14.68 -7.42 -5.10
CA HIS B 343 -13.94 -6.70 -4.05
C HIS B 343 -13.39 -7.74 -3.08
N SER B 344 -12.10 -7.64 -2.67
CA SER B 344 -11.07 -6.70 -3.13
C SER B 344 -9.88 -7.49 -3.70
N ARG B 345 -9.08 -6.84 -4.52
CA ARG B 345 -7.90 -7.48 -5.12
C ARG B 345 -6.70 -6.54 -5.07
N LYS B 346 -5.53 -7.13 -4.80
CA LYS B 346 -4.27 -6.40 -4.81
C LYS B 346 -3.81 -6.16 -6.25
N PRO B 347 -2.90 -5.20 -6.46
CA PRO B 347 -2.44 -4.91 -7.82
C PRO B 347 -1.95 -6.14 -8.60
N GLN B 348 -1.11 -6.99 -7.96
CA GLN B 348 -0.66 -8.19 -8.67
C GLN B 348 -1.82 -9.14 -8.98
N GLU B 349 -2.80 -9.25 -8.06
CA GLU B 349 -3.98 -10.06 -8.37
C GLU B 349 -4.78 -9.51 -9.56
N MSE B 350 -4.96 -8.21 -9.66
CA MSE B 350 -5.71 -7.67 -10.80
C MSE B 350 -5.04 -8.04 -12.12
O MSE B 350 -5.70 -8.42 -13.08
CB MSE B 350 -5.78 -6.15 -10.74
CG MSE B 350 -6.45 -5.66 -9.54
SE MSE B 350 -6.34 -3.70 -9.62
CE MSE B 350 -7.62 -3.56 -8.40
N ILE B 351 -3.71 -7.86 -12.17
CA ILE B 351 -2.99 -8.17 -13.40
C ILE B 351 -3.04 -9.67 -13.73
N ASP B 352 -2.88 -10.52 -12.70
CA ASP B 352 -2.96 -11.97 -12.89
C ASP B 352 -4.34 -12.37 -13.46
N ILE B 353 -5.40 -11.91 -12.81
CA ILE B 353 -6.77 -12.24 -13.26
C ILE B 353 -6.98 -11.75 -14.70
N TRP B 354 -6.60 -10.50 -14.97
CA TRP B 354 -6.83 -9.95 -16.30
C TRP B 354 -6.06 -10.73 -17.35
N SER B 355 -4.83 -11.10 -17.03
CA SER B 355 -4.02 -11.89 -17.95
CA SER B 355 -4.02 -11.90 -17.96
C SER B 355 -4.69 -13.23 -18.26
N GLN B 356 -5.15 -13.91 -17.23
CA GLN B 356 -5.77 -15.20 -17.48
C GLN B 356 -7.10 -15.04 -18.20
N LEU B 357 -7.81 -13.95 -17.93
CA LEU B 357 -9.09 -13.71 -18.60
C LEU B 357 -8.95 -13.63 -20.10
N GLN B 358 -7.82 -13.12 -20.61
CA GLN B 358 -7.66 -12.96 -22.05
C GLN B 358 -7.67 -14.28 -22.81
N SER B 359 -7.44 -15.42 -22.16
CA SER B 359 -7.55 -16.70 -22.83
C SER B 359 -8.60 -17.59 -22.18
N ALA B 360 -9.46 -17.03 -21.35
CA ALA B 360 -10.47 -17.83 -20.66
C ALA B 360 -11.46 -18.45 -21.62
N HIS B 361 -11.70 -17.83 -22.78
CA HIS B 361 -12.60 -18.45 -23.75
C HIS B 361 -12.11 -19.83 -24.18
N LEU B 362 -10.82 -20.12 -24.02
CA LEU B 362 -10.32 -21.43 -24.38
C LEU B 362 -10.65 -22.49 -23.33
N LYS B 363 -10.98 -22.08 -22.09
CA LYS B 363 -11.23 -23.04 -21.01
C LYS B 363 -12.64 -23.00 -20.43
N CYS B 364 -13.45 -22.00 -20.74
CA CYS B 364 -14.66 -21.79 -19.95
C CYS B 364 -15.96 -21.87 -20.74
C1 NAG C . 15.46 -15.20 -6.48
C2 NAG C . 14.35 -16.14 -6.94
C3 NAG C . 14.72 -16.87 -8.23
C4 NAG C . 15.29 -15.90 -9.28
C5 NAG C . 16.41 -15.07 -8.66
C6 NAG C . 16.98 -14.12 -9.71
C7 NAG C . 12.96 -17.04 -5.15
C8 NAG C . 12.89 -17.97 -3.98
N2 NAG C . 14.05 -17.09 -5.90
O3 NAG C . 13.48 -17.44 -8.72
O4 NAG C . 15.92 -16.65 -10.34
O5 NAG C . 15.88 -14.34 -7.54
O6 NAG C . 15.93 -13.23 -10.20
O7 NAG C . 12.05 -16.23 -5.35
C1 NAG C . 15.15 -16.68 -11.54
C2 NAG C . 16.07 -17.22 -12.63
C3 NAG C . 15.23 -17.47 -13.89
C4 NAG C . 14.02 -18.35 -13.64
C5 NAG C . 13.22 -17.75 -12.50
C6 NAG C . 12.15 -18.75 -12.14
C7 NAG C . 18.34 -16.29 -12.60
C8 NAG C . 18.81 -17.51 -11.83
N2 NAG C . 17.07 -16.21 -12.95
O3 NAG C . 16.08 -18.14 -14.79
O4 NAG C . 13.18 -18.30 -14.80
O5 NAG C . 14.08 -17.58 -11.34
O6 NAG C . 11.30 -18.16 -11.17
O7 NAG C . 19.11 -15.37 -12.87
C1 BMA C . 12.95 -19.57 -15.40
C2 BMA C . 11.80 -19.36 -16.37
C3 BMA C . 11.53 -20.64 -17.15
C4 BMA C . 12.82 -21.09 -17.82
C5 BMA C . 13.87 -21.29 -16.74
C6 BMA C . 15.17 -21.89 -17.28
O2 BMA C . 12.14 -18.29 -17.30
O3 BMA C . 10.50 -20.41 -18.12
O4 BMA C . 12.60 -22.32 -18.50
O5 BMA C . 14.12 -20.05 -16.07
O6 BMA C . 15.76 -21.01 -18.24
C1 NAG D . -13.02 18.17 3.55
C2 NAG D . -12.59 18.13 5.03
C3 NAG D . -12.45 19.55 5.62
C4 NAG D . -11.61 20.45 4.73
C5 NAG D . -12.19 20.39 3.33
C6 NAG D . -11.39 21.26 2.38
C7 NAG D . -13.46 16.26 6.34
C8 NAG D . -14.65 15.61 6.94
N2 NAG D . -13.61 17.45 5.80
O3 NAG D . -11.84 19.38 6.89
O4 NAG D . -11.75 21.81 5.15
O5 NAG D . -12.20 19.04 2.81
O6 NAG D . -10.02 20.82 2.36
O7 NAG D . -12.36 15.69 6.32
C1 NAG D . -10.59 22.30 5.84
C2 NAG D . -10.69 23.81 5.89
C3 NAG D . -9.56 24.36 6.73
C4 NAG D . -9.53 23.75 8.11
C5 NAG D . -9.54 22.23 7.99
C6 NAG D . -9.74 21.60 9.35
C7 NAG D . -11.49 24.78 3.77
C8 NAG D . -11.06 25.23 2.43
N2 NAG D . -10.52 24.38 4.55
O3 NAG D . -9.85 25.76 6.82
O4 NAG D . -8.30 24.14 8.76
O5 NAG D . -10.62 21.78 7.14
O6 NAG D . -9.55 20.21 9.22
O7 NAG D . -12.70 24.82 4.10
C1 BMA D . -8.51 24.73 10.06
C2 BMA D . -7.19 24.66 10.79
C3 BMA D . -7.37 25.23 12.19
C4 BMA D . -7.82 26.67 12.07
C5 BMA D . -9.10 26.73 11.24
C6 BMA D . -9.48 28.18 11.02
O2 BMA D . -6.26 25.46 10.06
O3 BMA D . -6.14 25.16 12.94
O4 BMA D . -8.08 27.15 13.39
O5 BMA D . -8.93 26.09 9.95
O6 BMA D . -10.15 28.29 9.76
MG MG E . 6.39 -6.49 9.08
N1 UDP F . 10.16 -7.12 1.91
C2 UDP F . 11.07 -7.11 0.86
N3 UDP F . 10.89 -7.96 -0.18
C4 UDP F . 9.89 -8.88 -0.17
C5 UDP F . 8.97 -8.90 0.95
C6 UDP F . 9.15 -8.05 1.97
O2 UDP F . 12.02 -6.31 0.88
O4 UDP F . 9.71 -9.62 -1.16
C1' UDP F . 10.42 -6.25 3.03
C2' UDP F . 9.18 -5.46 3.45
O2' UDP F . 9.16 -4.27 2.69
C3' UDP F . 9.58 -5.16 4.92
C4' UDP F . 10.27 -6.46 5.33
O4' UDP F . 10.73 -7.12 4.15
O3' UDP F . 10.62 -4.16 4.92
C5' UDP F . 9.36 -7.35 6.16
O5' UDP F . 8.21 -7.69 5.41
PA UDP F . 6.91 -8.06 6.23
O1A UDP F . 6.43 -6.90 7.04
O2A UDP F . 5.81 -8.53 5.20
O3A UDP F . 7.32 -9.22 7.20
PB UDP F . 6.87 -9.57 8.68
O1B UDP F . 7.83 -10.73 9.23
O2B UDP F . 6.96 -8.30 9.64
O3B UDP F . 5.45 -10.08 8.53
C1 NAG G . 27.19 -15.28 -12.56
C2 NAG G . 26.28 -14.71 -13.65
C3 NAG G . 26.09 -15.72 -14.77
C4 NAG G . 27.43 -16.22 -15.27
C5 NAG G . 28.15 -16.83 -14.09
C6 NAG G . 29.48 -17.39 -14.55
C7 NAG G . 24.36 -13.31 -13.16
C8 NAG G . 22.92 -13.31 -12.74
N2 NAG G . 24.98 -14.48 -13.10
O3 NAG G . 25.42 -15.07 -15.83
O4 NAG G . 27.21 -17.21 -16.27
O5 NAG G . 28.40 -15.81 -13.13
O6 NAG G . 30.40 -16.31 -14.65
O7 NAG G . 24.95 -12.29 -13.52
C1 EDO H . 27.65 -9.41 19.74
O1 EDO H . 29.09 -9.20 19.77
C2 EDO H . 26.90 -8.66 20.83
O2 EDO H . 27.09 -7.22 20.77
C1 EDO I . 4.62 3.15 -16.72
O1 EDO I . 4.79 4.50 -16.22
C2 EDO I . 5.97 2.49 -16.90
O2 EDO I . 6.68 2.57 -15.65
N1 EPE J . 1.45 -1.95 0.89
C2 EPE J . 2.36 -2.63 1.80
C3 EPE J . 2.35 -4.12 1.49
N4 EPE J . 1.04 -4.66 1.83
C5 EPE J . 0.08 -4.01 0.91
C6 EPE J . 0.10 -2.50 1.13
C7 EPE J . 1.01 -6.11 1.56
C8 EPE J . -0.42 -6.65 1.54
O8 EPE J . -0.42 -7.89 0.85
C9 EPE J . 1.44 -0.52 1.29
C10 EPE J . 2.85 0.09 1.20
S EPE J . 2.72 1.86 0.98
O1S EPE J . 4.04 2.44 0.77
O2S EPE J . 2.17 2.39 2.20
O3S EPE J . 1.97 2.12 -0.22
C1 EDO K . 33.42 -13.27 -0.27
O1 EDO K . 33.18 -12.53 -1.45
C2 EDO K . 32.12 -13.27 0.52
O2 EDO K . 32.14 -14.35 1.44
MG MG L . -12.42 -1.51 -0.25
N1 UDP M . -10.61 6.45 -0.81
C2 UDP M . -10.49 7.74 -1.20
N3 UDP M . -10.23 8.70 -0.27
C4 UDP M . -10.18 8.39 1.05
C5 UDP M . -10.37 7.06 1.48
C6 UDP M . -10.59 6.09 0.52
O2 UDP M . -10.57 8.03 -2.39
O4 UDP M . -9.95 9.31 1.87
C1' UDP M . -10.91 5.45 -1.83
C2' UDP M . -9.96 4.23 -1.80
O2' UDP M . -8.83 4.52 -2.67
C3' UDP M . -10.89 3.19 -2.47
C4' UDP M . -12.29 3.61 -1.94
O4' UDP M . -12.20 4.95 -1.51
O3' UDP M . -10.96 3.52 -3.84
C5' UDP M . -12.85 2.76 -0.82
O5' UDP M . -11.94 2.75 0.25
PA UDP M . -11.97 1.53 1.21
O1A UDP M . -11.02 1.79 2.42
O2A UDP M . -11.58 0.30 0.44
O3A UDP M . -13.43 1.37 1.71
PB UDP M . -14.26 0.09 2.00
O1B UDP M . -13.80 -0.43 3.33
O2B UDP M . -13.99 -1.01 0.83
O3B UDP M . -15.77 0.53 2.09
C1 NAG N . -16.00 29.54 -2.81
C2 NAG N . -14.53 29.65 -2.40
C3 NAG N . -14.41 30.68 -1.25
C4 NAG N . -15.05 32.00 -1.64
C5 NAG N . -16.49 31.72 -2.00
C6 NAG N . -17.17 33.03 -2.37
C7 NAG N . -13.03 27.73 -2.33
C8 NAG N . -12.65 26.46 -1.63
N2 NAG N . -14.10 28.36 -1.88
O3 NAG N . -13.03 30.89 -0.93
O4 NAG N . -15.01 32.89 -0.54
O5 NAG N . -16.55 30.82 -3.10
O6 NAG N . -17.02 33.24 -3.79
O7 NAG N . -12.38 28.16 -3.27
N1 EPE O . -2.24 0.84 0.50
C2 EPE O . -3.71 0.75 0.40
C3 EPE O . -4.33 1.40 1.64
N4 EPE O . -3.89 0.71 2.86
C5 EPE O . -2.43 0.79 2.90
C6 EPE O . -1.89 0.08 1.68
C7 EPE O . -4.38 1.39 4.06
C8 EPE O . -4.10 0.53 5.29
O8 EPE O . -5.34 0.23 5.93
C9 EPE O . -1.67 0.13 -0.67
C10 EPE O . -2.02 0.90 -1.94
S EPE O . -0.85 0.49 -3.24
O1S EPE O . -0.90 -0.92 -3.40
O2S EPE O . 0.54 0.77 -2.65
O3S EPE O . -1.04 1.31 -4.35
C1 EDO P . -30.43 -4.87 -12.89
O1 EDO P . -31.46 -4.25 -13.69
C2 EDO P . -29.93 -6.15 -13.54
O2 EDO P . -29.85 -5.97 -14.96
C1 EDO Q . -32.46 2.53 -12.47
O1 EDO Q . -33.29 3.12 -13.54
C2 EDO Q . -32.23 1.06 -12.76
O2 EDO Q . -31.40 0.86 -13.93
#